data_9BOL
#
_entry.id   9BOL
#
_cell.length_a   47.460
_cell.length_b   47.740
_cell.length_c   100.350
_cell.angle_alpha   103.62
_cell.angle_beta   94.66
_cell.angle_gamma   98.33
#
_symmetry.space_group_name_H-M   'P 1'
#
loop_
_entity.id
_entity.type
_entity.pdbx_description
1 polymer Elongin-B
2 polymer Elongin-C
3 polymer 'von Hippel-Lindau disease tumor suppressor'
4 non-polymer 1,2-ETHANEDIOL
5 non-polymer 'DIMETHYL SULFOXIDE'
6 non-polymer 'CHLORIDE ION'
7 non-polymer (4R)-1-[(2S)-2-(4-cyclopropyl-1H-1,2,3-triazol-1-yl)-3,3-dimethylbutanoyl]-4-hydroxy-N-{[4-(4-methyl-1,3-thiazol-5-yl)phenyl]methyl}-L-prolinamide
8 water water
#
loop_
_entity_poly.entity_id
_entity_poly.type
_entity_poly.pdbx_seq_one_letter_code
_entity_poly.pdbx_strand_id
1 'polypeptide(L)'
;MDVFLMIRRHKTTIFTDAKESSTVFELKRIVEGILKRPPDEQRLYKDDQLLDDGKTLGECGFTSQTARPQAPATVGLAFR
ADDTFEALCIEPFSSPPELPDVMK
;
A,D
2 'polypeptide(L)'
;MYVKLISSDGHEFIVKREHALTSGTIKAMLSGPGQFAENETNEVNFREIPSHVLSKVCMYFTYKVRYTNSSTEIPEFPIA
PEIALELLMAANFLDC
;
B,E
3 'polypeptide(L)'
;MHHHHHHGENLYFQGSMEAGRPRPVLRSVNSREPSQVIFCNRSPRVVLPVWLNFDGEPQPYPTLPPGTGRRIHSYRGHLW
LFRDAGTHDGLLVNQTELFVPSLNVDGQPIFANITLPVYTLKERCLQVVRSLVKPENYRRLDIVRSLYEDLEDHPNVQKD
LERLTQERIAHQRMGD
;
C,F
#
loop_
_chem_comp.id
_chem_comp.type
_chem_comp.name
_chem_comp.formula
A1ARP non-polymer (4R)-1-[(2S)-2-(4-cyclopropyl-1H-1,2,3-triazol-1-yl)-3,3-dimethylbutanoyl]-4-hydroxy-N-{[4-(4-methyl-1,3-thiazol-5-yl)phenyl]methyl}-L-prolinamide 'C27 H34 N6 O3 S'
CL non-polymer 'CHLORIDE ION' 'Cl -1'
DMS non-polymer 'DIMETHYL SULFOXIDE' 'C2 H6 O S'
EDO non-polymer 1,2-ETHANEDIOL 'C2 H6 O2'
#
# COMPACT_ATOMS: atom_id res chain seq x y z
N MET A 1 -4.57 -18.73 -2.23
CA MET A 1 -3.77 -17.72 -3.00
C MET A 1 -2.39 -17.58 -2.35
N ASP A 2 -1.34 -17.64 -3.17
CA ASP A 2 0.07 -17.40 -2.75
C ASP A 2 0.35 -15.90 -2.82
N VAL A 3 0.90 -15.35 -1.73
CA VAL A 3 1.47 -13.96 -1.67
C VAL A 3 2.99 -14.11 -1.61
N PHE A 4 3.71 -13.20 -2.26
CA PHE A 4 5.19 -13.20 -2.35
C PHE A 4 5.71 -11.96 -1.63
N LEU A 5 6.63 -12.17 -0.68
CA LEU A 5 7.02 -11.20 0.36
C LEU A 5 8.52 -10.94 0.32
N MET A 6 8.91 -9.74 0.78
CA MET A 6 10.28 -9.38 1.23
C MET A 6 10.17 -9.02 2.71
N ILE A 7 10.65 -9.90 3.60
CA ILE A 7 10.71 -9.63 5.08
C ILE A 7 12.05 -8.94 5.34
N ARG A 8 12.01 -7.69 5.83
CA ARG A 8 13.18 -6.77 5.86
C ARG A 8 13.43 -6.22 7.26
N ARG A 9 14.66 -6.41 7.77
CA ARG A 9 15.20 -5.80 9.01
C ARG A 9 16.63 -5.33 8.75
N HIS A 10 16.92 -4.06 9.05
CA HIS A 10 18.26 -3.43 8.91
C HIS A 10 18.75 -3.60 7.45
N LYS A 11 19.72 -4.49 7.22
CA LYS A 11 20.30 -4.78 5.89
C LYS A 11 20.05 -6.25 5.50
N THR A 12 19.04 -6.87 6.10
CA THR A 12 18.59 -8.26 5.82
C THR A 12 17.25 -8.21 5.09
N THR A 13 17.10 -9.00 4.02
CA THR A 13 15.84 -9.18 3.26
C THR A 13 15.65 -10.66 2.97
N ILE A 14 14.58 -11.26 3.51
CA ILE A 14 14.15 -12.66 3.20
C ILE A 14 13.13 -12.58 2.07
N PHE A 15 13.41 -13.24 0.95
CA PHE A 15 12.45 -13.52 -0.14
C PHE A 15 11.76 -14.84 0.15
N THR A 16 10.45 -14.80 0.33
CA THR A 16 9.62 -16.00 0.61
C THR A 16 8.18 -15.72 0.19
N ASP A 17 7.39 -16.79 0.05
CA ASP A 17 5.93 -16.74 -0.15
C ASP A 17 5.25 -17.30 1.10
N ALA A 18 3.95 -17.05 1.24
CA ALA A 18 3.04 -17.67 2.22
C ALA A 18 1.62 -17.64 1.65
N LYS A 19 0.65 -18.17 2.40
CA LYS A 19 -0.79 -18.14 2.02
C LYS A 19 -1.38 -16.79 2.44
N GLU A 20 -2.25 -16.22 1.60
CA GLU A 20 -3.08 -15.04 1.93
C GLU A 20 -3.82 -15.32 3.26
N SER A 21 -4.23 -16.57 3.48
CA SER A 21 -5.04 -17.02 4.64
C SER A 21 -4.18 -17.22 5.90
N SER A 22 -2.86 -17.36 5.77
CA SER A 22 -1.92 -17.64 6.91
C SER A 22 -1.81 -16.40 7.81
N THR A 23 -1.39 -16.58 9.07
CA THR A 23 -1.38 -15.52 10.12
C THR A 23 -0.02 -14.82 10.19
N VAL A 24 -0.01 -13.62 10.78
CA VAL A 24 1.22 -12.81 11.06
C VAL A 24 2.14 -13.65 11.96
N PHE A 25 1.57 -14.35 12.94
CA PHE A 25 2.32 -15.23 13.89
C PHE A 25 2.93 -16.41 13.12
N GLU A 26 2.21 -16.97 12.15
CA GLU A 26 2.70 -18.11 11.31
C GLU A 26 3.87 -17.64 10.43
N LEU A 27 3.95 -16.34 10.10
CA LEU A 27 5.08 -15.78 9.32
C LEU A 27 6.30 -15.64 10.24
N LYS A 28 6.07 -15.22 11.49
CA LYS A 28 7.12 -15.11 12.53
C LYS A 28 7.81 -16.48 12.70
N ARG A 29 7.06 -17.56 12.48
CA ARG A 29 7.54 -18.98 12.56
C ARG A 29 8.45 -19.27 11.36
N ILE A 30 8.12 -18.76 10.17
CA ILE A 30 8.98 -18.90 8.96
C ILE A 30 10.29 -18.16 9.23
N VAL A 31 10.21 -16.96 9.82
CA VAL A 31 11.38 -16.11 10.19
C VAL A 31 12.25 -16.86 11.22
N GLU A 32 11.65 -17.51 12.21
CA GLU A 32 12.37 -18.29 13.25
C GLU A 32 13.18 -19.41 12.58
N GLY A 33 12.57 -20.12 11.62
CA GLY A 33 13.21 -21.22 10.88
C GLY A 33 14.45 -20.79 10.13
N ILE A 34 14.51 -19.53 9.68
CA ILE A 34 15.60 -18.99 8.82
C ILE A 34 16.61 -18.22 9.70
N LEU A 35 16.14 -17.32 10.58
CA LEU A 35 16.99 -16.39 11.36
C LEU A 35 17.17 -16.87 12.81
N LYS A 36 16.55 -17.98 13.20
CA LYS A 36 16.78 -18.64 14.53
C LYS A 36 16.48 -17.65 15.67
N ARG A 37 15.35 -16.94 15.61
CA ARG A 37 14.87 -16.02 16.67
C ARG A 37 13.38 -16.29 16.91
N PRO A 38 12.96 -16.59 18.16
CA PRO A 38 11.57 -16.99 18.43
C PRO A 38 10.56 -15.89 18.12
N PRO A 39 9.29 -16.25 17.78
CA PRO A 39 8.25 -15.26 17.49
C PRO A 39 8.07 -14.17 18.55
N ASP A 40 8.25 -14.49 19.84
CA ASP A 40 8.04 -13.56 20.97
C ASP A 40 9.13 -12.48 20.98
N GLU A 41 10.23 -12.68 20.23
CA GLU A 41 11.33 -11.69 20.06
C GLU A 41 11.20 -10.98 18.71
N GLN A 42 10.03 -11.10 18.05
CA GLN A 42 9.74 -10.52 16.71
C GLN A 42 8.54 -9.57 16.80
N ARG A 43 8.61 -8.45 16.07
CA ARG A 43 7.45 -7.61 15.66
C ARG A 43 7.47 -7.50 14.14
N LEU A 44 6.31 -7.58 13.49
CA LEU A 44 6.15 -7.38 12.03
C LEU A 44 5.34 -6.08 11.81
N TYR A 45 5.70 -5.34 10.76
CA TYR A 45 5.14 -4.02 10.37
C TYR A 45 4.75 -4.03 8.89
N LYS A 46 3.62 -3.39 8.56
CA LYS A 46 3.27 -2.95 7.19
C LYS A 46 3.35 -1.43 7.16
N ASP A 47 4.38 -0.88 6.50
CA ASP A 47 4.79 0.55 6.62
C ASP A 47 5.22 0.79 8.08
N ASP A 48 4.54 1.69 8.81
CA ASP A 48 4.86 1.99 10.24
C ASP A 48 3.77 1.41 11.15
N GLN A 49 2.82 0.64 10.59
CA GLN A 49 1.70 0.00 11.32
C GLN A 49 2.14 -1.39 11.80
N LEU A 50 2.28 -1.57 13.12
CA LEU A 50 2.54 -2.89 13.77
C LEU A 50 1.41 -3.87 13.44
N LEU A 51 1.75 -5.10 13.06
CA LEU A 51 0.78 -6.17 12.67
C LEU A 51 0.47 -7.04 13.88
N ASP A 52 -0.82 -7.21 14.18
CA ASP A 52 -1.31 -8.08 15.29
C ASP A 52 -1.14 -9.55 14.88
N ASP A 53 -0.71 -10.38 15.82
CA ASP A 53 -0.25 -11.79 15.62
C ASP A 53 -1.37 -12.65 15.01
N GLY A 54 -2.63 -12.39 15.38
CA GLY A 54 -3.80 -13.19 14.96
C GLY A 54 -4.21 -12.93 13.52
N LYS A 55 -4.09 -11.66 13.07
CA LYS A 55 -4.54 -11.20 11.74
C LYS A 55 -3.89 -12.04 10.63
N THR A 56 -4.63 -12.33 9.56
CA THR A 56 -4.14 -13.02 8.35
C THR A 56 -3.27 -12.05 7.53
N LEU A 57 -2.49 -12.57 6.58
CA LEU A 57 -1.69 -11.74 5.66
C LEU A 57 -2.65 -10.96 4.74
N GLY A 58 -3.72 -11.62 4.28
CA GLY A 58 -4.83 -11.00 3.54
C GLY A 58 -5.38 -9.77 4.24
N GLU A 59 -5.72 -9.90 5.53
CA GLU A 59 -6.33 -8.82 6.36
C GLU A 59 -5.33 -7.67 6.58
N CYS A 60 -4.03 -7.97 6.51
CA CYS A 60 -2.92 -6.98 6.73
C CYS A 60 -2.64 -6.19 5.45
N GLY A 61 -3.17 -6.63 4.30
CA GLY A 61 -3.09 -5.90 3.02
C GLY A 61 -2.18 -6.58 2.00
N PHE A 62 -1.70 -7.79 2.30
CA PHE A 62 -0.87 -8.64 1.41
C PHE A 62 -1.79 -9.58 0.63
N THR A 63 -2.00 -9.31 -0.66
CA THR A 63 -2.91 -10.08 -1.57
C THR A 63 -2.22 -10.31 -2.92
N SER A 64 -2.89 -11.00 -3.84
CA SER A 64 -2.45 -11.22 -5.25
C SER A 64 -2.11 -9.89 -5.93
N GLN A 65 -2.78 -8.80 -5.55
CA GLN A 65 -2.68 -7.47 -6.22
C GLN A 65 -1.52 -6.64 -5.62
N THR A 66 -1.06 -6.96 -4.41
CA THR A 66 -0.01 -6.18 -3.68
C THR A 66 1.26 -7.03 -3.46
N ALA A 67 1.18 -8.36 -3.56
CA ALA A 67 2.26 -9.30 -3.21
C ALA A 67 2.48 -10.30 -4.36
N ARG A 68 3.17 -9.85 -5.41
CA ARG A 68 3.37 -10.60 -6.68
C ARG A 68 4.80 -11.10 -6.77
N PRO A 69 5.05 -12.21 -7.49
CA PRO A 69 6.40 -12.77 -7.60
C PRO A 69 7.41 -11.73 -8.12
N GLN A 70 7.02 -10.94 -9.12
CA GLN A 70 7.85 -9.90 -9.79
C GLN A 70 7.77 -8.56 -9.05
N ALA A 71 6.91 -8.45 -8.03
CA ALA A 71 6.62 -7.21 -7.26
C ALA A 71 6.14 -7.56 -5.86
N PRO A 72 7.02 -8.10 -4.99
CA PRO A 72 6.61 -8.58 -3.67
C PRO A 72 6.38 -7.43 -2.68
N ALA A 73 5.47 -7.63 -1.73
CA ALA A 73 5.14 -6.67 -0.65
C ALA A 73 6.20 -6.77 0.45
N THR A 74 6.59 -5.63 1.02
CA THR A 74 7.59 -5.51 2.11
C THR A 74 6.90 -5.74 3.45
N VAL A 75 7.41 -6.69 4.24
CA VAL A 75 7.05 -6.92 5.67
C VAL A 75 8.23 -6.41 6.52
N GLY A 76 8.00 -5.42 7.38
CA GLY A 76 9.00 -4.90 8.32
C GLY A 76 9.24 -5.88 9.46
N LEU A 77 10.45 -5.88 10.03
CA LEU A 77 10.86 -6.80 11.13
C LEU A 77 11.74 -6.03 12.14
N ALA A 78 11.38 -6.09 13.41
CA ALA A 78 12.14 -5.53 14.55
C ALA A 78 12.34 -6.64 15.59
N PHE A 79 13.59 -6.85 16.04
CA PHE A 79 13.96 -7.87 17.05
C PHE A 79 14.00 -7.23 18.44
N ARG A 80 13.78 -8.06 19.47
CA ARG A 80 13.88 -7.70 20.91
C ARG A 80 15.25 -8.16 21.42
N ALA A 81 16.12 -7.21 21.77
CA ALA A 81 17.46 -7.45 22.37
C ALA A 81 17.31 -7.48 23.90
N ASP A 82 17.17 -8.68 24.47
CA ASP A 82 17.09 -8.91 25.94
C ASP A 82 15.74 -8.36 26.45
N ASP A 83 15.69 -7.07 26.81
CA ASP A 83 14.55 -6.45 27.55
C ASP A 83 13.47 -6.00 26.56
N THR A 84 13.70 -4.85 25.91
CA THR A 84 12.69 -4.11 25.10
C THR A 84 12.97 -4.32 23.60
N PHE A 85 11.97 -4.02 22.75
CA PHE A 85 12.06 -4.11 21.27
C PHE A 85 12.82 -2.90 20.73
N GLU A 86 13.56 -3.10 19.63
CA GLU A 86 14.25 -2.01 18.89
C GLU A 86 13.21 -1.27 18.03
N ALA A 87 13.53 -0.02 17.66
CA ALA A 87 12.76 0.79 16.69
C ALA A 87 12.92 0.16 15.29
N LEU A 88 11.82 0.09 14.53
CA LEU A 88 11.81 -0.42 13.14
C LEU A 88 12.83 0.38 12.31
N CYS A 89 13.90 -0.27 11.87
CA CYS A 89 14.94 0.29 10.96
C CYS A 89 15.09 -0.66 9.76
N ILE A 90 14.53 -0.26 8.61
CA ILE A 90 14.81 -0.88 7.28
C ILE A 90 15.76 0.07 6.54
N GLU A 91 16.99 -0.36 6.30
CA GLU A 91 17.96 0.41 5.48
C GLU A 91 17.48 0.37 4.03
N PRO A 92 17.28 1.52 3.36
CA PRO A 92 16.90 1.51 1.96
C PRO A 92 17.98 0.84 1.10
N PHE A 93 17.57 0.28 -0.04
CA PHE A 93 18.50 -0.23 -1.09
C PHE A 93 19.29 0.98 -1.63
N SER A 94 20.41 0.74 -2.31
CA SER A 94 21.22 1.77 -3.00
C SER A 94 20.34 2.52 -4.00
N SER A 95 20.72 3.74 -4.37
CA SER A 95 20.04 4.56 -5.40
C SER A 95 20.66 4.27 -6.76
N PRO A 96 19.84 4.04 -7.82
CA PRO A 96 20.39 3.84 -9.16
C PRO A 96 21.08 5.10 -9.66
N PRO A 97 22.09 4.98 -10.57
CA PRO A 97 22.80 6.15 -11.08
C PRO A 97 21.90 6.97 -12.01
N GLU A 98 22.33 8.18 -12.35
CA GLU A 98 21.57 9.06 -13.27
C GLU A 98 21.50 8.35 -14.63
N LEU A 99 20.33 8.43 -15.28
CA LEU A 99 20.05 7.80 -16.60
C LEU A 99 21.14 8.28 -17.57
N PRO A 100 21.81 7.37 -18.31
CA PRO A 100 22.79 7.79 -19.32
C PRO A 100 22.14 8.71 -20.36
N ASP A 101 22.96 9.54 -21.03
CA ASP A 101 22.50 10.55 -22.02
C ASP A 101 21.63 9.85 -23.08
N VAL A 102 22.12 8.74 -23.63
CA VAL A 102 21.50 8.01 -24.78
C VAL A 102 20.17 7.33 -24.37
N MET A 103 19.80 7.38 -23.09
CA MET A 103 18.53 6.80 -22.55
C MET A 103 17.54 7.92 -22.18
N LYS A 104 17.93 9.19 -22.30
CA LYS A 104 17.07 10.38 -22.06
C LYS A 104 16.47 10.84 -23.39
N MET B 1 17.72 -25.15 2.97
CA MET B 1 17.39 -24.94 1.53
C MET B 1 17.31 -23.43 1.21
N TYR B 2 17.79 -22.57 2.10
CA TYR B 2 17.92 -21.10 1.90
C TYR B 2 19.41 -20.75 1.83
N VAL B 3 19.78 -19.86 0.89
CA VAL B 3 21.18 -19.35 0.72
C VAL B 3 21.15 -17.83 0.83
N LYS B 4 22.31 -17.23 1.09
CA LYS B 4 22.47 -15.75 1.27
C LYS B 4 23.29 -15.19 0.09
N LEU B 5 22.73 -14.22 -0.63
CA LEU B 5 23.43 -13.43 -1.67
C LEU B 5 23.66 -12.03 -1.10
N ILE B 6 24.92 -11.58 -0.99
CA ILE B 6 25.29 -10.28 -0.36
C ILE B 6 25.72 -9.31 -1.47
N SER B 7 25.13 -8.12 -1.49
CA SER B 7 25.40 -7.05 -2.48
C SER B 7 26.68 -6.31 -2.10
N SER B 8 27.19 -5.47 -3.01
CA SER B 8 28.38 -4.60 -2.84
C SER B 8 28.20 -3.68 -1.63
N ASP B 9 26.97 -3.19 -1.40
CA ASP B 9 26.65 -2.23 -0.30
C ASP B 9 26.24 -3.01 0.98
N GLY B 10 26.47 -4.32 1.02
CA GLY B 10 26.37 -5.15 2.24
C GLY B 10 24.93 -5.53 2.57
N HIS B 11 23.98 -5.37 1.65
CA HIS B 11 22.61 -5.89 1.81
C HIS B 11 22.65 -7.41 1.68
N GLU B 12 22.07 -8.13 2.65
CA GLU B 12 22.03 -9.61 2.67
C GLU B 12 20.65 -10.06 2.19
N PHE B 13 20.61 -10.84 1.10
CA PHE B 13 19.38 -11.38 0.48
C PHE B 13 19.34 -12.89 0.70
N ILE B 14 18.32 -13.34 1.45
CA ILE B 14 18.12 -14.77 1.79
C ILE B 14 17.02 -15.30 0.87
N VAL B 15 17.37 -16.25 -0.01
CA VAL B 15 16.45 -16.82 -1.04
C VAL B 15 16.55 -18.34 -0.97
N LYS B 16 15.52 -19.03 -1.47
CA LYS B 16 15.49 -20.52 -1.57
C LYS B 16 16.62 -20.94 -2.51
N ARG B 17 17.33 -22.02 -2.16
CA ARG B 17 18.47 -22.56 -2.95
C ARG B 17 18.02 -22.78 -4.40
N GLU B 18 16.88 -23.46 -4.60
CA GLU B 18 16.32 -23.81 -5.94
C GLU B 18 16.18 -22.53 -6.79
N HIS B 19 15.83 -21.41 -6.15
CA HIS B 19 15.61 -20.10 -6.80
C HIS B 19 16.96 -19.54 -7.28
N ALA B 20 17.96 -19.48 -6.39
CA ALA B 20 19.32 -18.95 -6.67
C ALA B 20 19.98 -19.78 -7.78
N LEU B 21 19.69 -21.08 -7.84
CA LEU B 21 20.26 -22.03 -8.83
C LEU B 21 19.73 -21.76 -10.24
N THR B 22 18.73 -20.88 -10.41
CA THR B 22 18.32 -20.30 -11.72
C THR B 22 19.57 -19.76 -12.45
N SER B 23 20.50 -19.19 -11.70
CA SER B 23 21.81 -18.68 -12.20
C SER B 23 22.85 -19.81 -12.22
N GLY B 24 23.38 -20.14 -13.40
CA GLY B 24 24.49 -21.09 -13.59
C GLY B 24 25.76 -20.59 -12.92
N THR B 25 25.92 -19.26 -12.83
CA THR B 25 27.07 -18.61 -12.14
C THR B 25 26.96 -18.86 -10.64
N ILE B 26 25.77 -18.66 -10.07
CA ILE B 26 25.56 -18.84 -8.60
C ILE B 26 25.71 -20.32 -8.25
N LYS B 27 25.24 -21.23 -9.11
CA LYS B 27 25.42 -22.70 -8.94
C LYS B 27 26.91 -22.99 -8.81
N ALA B 28 27.73 -22.54 -9.77
CA ALA B 28 29.20 -22.69 -9.80
C ALA B 28 29.83 -22.09 -8.53
N MET B 29 29.32 -20.94 -8.06
CA MET B 29 29.88 -20.19 -6.90
C MET B 29 29.57 -20.93 -5.60
N LEU B 30 28.47 -21.69 -5.54
CA LEU B 30 28.06 -22.47 -4.33
C LEU B 30 28.84 -23.78 -4.27
N SER B 31 29.47 -24.22 -5.37
CA SER B 31 30.35 -25.40 -5.46
C SER B 31 31.70 -25.10 -4.79
N ASN B 39 31.59 -17.82 -0.11
CA ASN B 39 32.01 -17.08 1.11
C ASN B 39 32.07 -18.08 2.28
N GLU B 40 31.28 -17.86 3.33
CA GLU B 40 30.86 -18.94 4.28
C GLU B 40 30.02 -19.92 3.46
N THR B 41 29.73 -21.11 3.99
CA THR B 41 28.86 -22.11 3.31
C THR B 41 27.48 -21.46 3.12
N ASN B 42 26.91 -21.56 1.91
CA ASN B 42 25.57 -21.06 1.55
C ASN B 42 25.54 -19.53 1.55
N GLU B 43 26.69 -18.88 1.29
CA GLU B 43 26.79 -17.40 1.12
C GLU B 43 27.61 -17.11 -0.14
N VAL B 44 27.15 -16.14 -0.94
CA VAL B 44 27.87 -15.63 -2.15
C VAL B 44 27.92 -14.11 -2.04
N ASN B 45 29.12 -13.53 -2.11
CA ASN B 45 29.37 -12.07 -2.12
C ASN B 45 29.45 -11.60 -3.59
N PHE B 46 28.70 -10.56 -3.93
CA PHE B 46 28.74 -9.89 -5.25
C PHE B 46 29.33 -8.48 -5.07
N ARG B 47 30.64 -8.37 -5.27
CA ARG B 47 31.45 -7.14 -5.05
C ARG B 47 31.00 -6.01 -5.99
N GLU B 48 30.37 -6.34 -7.12
CA GLU B 48 30.07 -5.40 -8.23
C GLU B 48 28.57 -5.21 -8.44
N ILE B 49 27.71 -5.90 -7.68
CA ILE B 49 26.24 -5.79 -7.84
C ILE B 49 25.65 -5.11 -6.60
N PRO B 50 25.19 -3.85 -6.71
CA PRO B 50 24.57 -3.15 -5.59
C PRO B 50 23.12 -3.62 -5.35
N SER B 51 22.56 -3.28 -4.20
CA SER B 51 21.28 -3.78 -3.65
C SER B 51 20.09 -3.49 -4.58
N HIS B 52 20.08 -2.35 -5.29
CA HIS B 52 18.96 -1.96 -6.19
C HIS B 52 18.95 -2.87 -7.43
N VAL B 53 20.05 -3.55 -7.72
CA VAL B 53 20.15 -4.55 -8.83
C VAL B 53 19.87 -5.96 -8.28
N LEU B 54 20.58 -6.37 -7.21
CA LEU B 54 20.48 -7.75 -6.67
C LEU B 54 19.06 -8.01 -6.15
N SER B 55 18.40 -7.03 -5.54
CA SER B 55 16.98 -7.16 -5.10
C SER B 55 16.11 -7.55 -6.30
N LYS B 56 16.35 -6.95 -7.48
CA LYS B 56 15.57 -7.22 -8.72
C LYS B 56 15.92 -8.61 -9.30
N VAL B 57 17.17 -9.04 -9.18
CA VAL B 57 17.62 -10.39 -9.62
C VAL B 57 16.87 -11.45 -8.81
N CYS B 58 16.78 -11.26 -7.48
CA CYS B 58 16.05 -12.16 -6.55
C CYS B 58 14.56 -12.19 -6.92
N MET B 59 13.99 -11.03 -7.27
CA MET B 59 12.56 -10.94 -7.72
C MET B 59 12.41 -11.74 -9.02
N TYR B 60 13.39 -11.66 -9.93
CA TYR B 60 13.35 -12.43 -11.20
C TYR B 60 13.33 -13.93 -10.89
N PHE B 61 14.18 -14.40 -9.97
CA PHE B 61 14.24 -15.83 -9.53
C PHE B 61 12.83 -16.28 -9.09
N THR B 62 12.18 -15.48 -8.24
CA THR B 62 10.82 -15.77 -7.69
C THR B 62 9.84 -15.94 -8.86
N TYR B 63 9.86 -14.96 -9.77
CA TYR B 63 9.03 -14.87 -11.00
C TYR B 63 9.27 -16.10 -11.88
N LYS B 64 10.54 -16.40 -12.15
CA LYS B 64 10.96 -17.49 -13.07
C LYS B 64 10.39 -18.82 -12.56
N VAL B 65 10.63 -19.13 -11.28
CA VAL B 65 10.27 -20.44 -10.65
C VAL B 65 8.74 -20.56 -10.58
N ARG B 66 8.04 -19.45 -10.31
CA ARG B 66 6.55 -19.41 -10.20
C ARG B 66 5.90 -19.69 -11.55
N TYR B 67 6.40 -19.09 -12.65
CA TYR B 67 5.65 -19.02 -13.93
C TYR B 67 6.20 -19.99 -14.99
N THR B 68 7.38 -20.58 -14.80
CA THR B 68 7.96 -21.58 -15.75
C THR B 68 7.09 -22.84 -15.74
N ASN B 69 6.65 -23.28 -16.93
CA ASN B 69 5.76 -24.45 -17.14
C ASN B 69 4.46 -24.27 -16.35
N SER B 70 3.98 -23.04 -16.24
CA SER B 70 2.65 -22.68 -15.69
C SER B 70 1.71 -22.40 -16.87
N SER B 71 0.46 -22.89 -16.81
CA SER B 71 -0.58 -22.64 -17.83
C SER B 71 -1.36 -21.36 -17.48
N THR B 72 -1.02 -20.72 -16.35
CA THR B 72 -1.58 -19.43 -15.90
C THR B 72 -1.12 -18.31 -16.84
N GLU B 73 -1.91 -17.25 -16.95
CA GLU B 73 -1.55 -16.02 -17.69
C GLU B 73 -0.30 -15.42 -17.03
N ILE B 74 0.75 -15.18 -17.81
CA ILE B 74 2.08 -14.72 -17.31
C ILE B 74 2.13 -13.20 -17.43
N PRO B 75 2.39 -12.49 -16.31
CA PRO B 75 2.53 -11.03 -16.31
C PRO B 75 3.93 -10.64 -16.79
N GLU B 76 4.12 -9.37 -17.16
CA GLU B 76 5.45 -8.83 -17.56
C GLU B 76 6.36 -8.80 -16.34
N PHE B 77 7.65 -9.05 -16.53
CA PHE B 77 8.69 -8.72 -15.53
C PHE B 77 9.05 -7.25 -15.72
N PRO B 78 8.69 -6.36 -14.77
CA PRO B 78 8.92 -4.93 -14.92
C PRO B 78 10.38 -4.58 -14.60
N ILE B 79 10.99 -3.71 -15.41
CA ILE B 79 12.35 -3.15 -15.19
C ILE B 79 12.25 -1.64 -15.40
N ALA B 80 12.51 -0.85 -14.35
CA ALA B 80 12.58 0.62 -14.39
C ALA B 80 13.75 1.01 -15.29
N PRO B 81 13.59 2.04 -16.16
CA PRO B 81 14.67 2.46 -17.05
C PRO B 81 16.02 2.70 -16.34
N GLU B 82 15.98 3.27 -15.13
CA GLU B 82 17.19 3.71 -14.38
C GLU B 82 18.02 2.50 -13.91
N ILE B 83 17.46 1.28 -13.85
CA ILE B 83 18.21 0.07 -13.42
C ILE B 83 18.49 -0.86 -14.61
N ALA B 84 17.92 -0.58 -15.79
CA ALA B 84 17.91 -1.50 -16.95
C ALA B 84 19.35 -1.88 -17.35
N LEU B 85 20.25 -0.90 -17.46
CA LEU B 85 21.62 -1.13 -17.96
C LEU B 85 22.41 -2.00 -16.97
N GLU B 86 22.32 -1.69 -15.68
CA GLU B 86 23.01 -2.44 -14.59
C GLU B 86 22.44 -3.86 -14.50
N LEU B 87 21.10 -3.99 -14.57
CA LEU B 87 20.42 -5.31 -14.50
C LEU B 87 20.85 -6.15 -15.71
N LEU B 88 20.99 -5.53 -16.88
CA LEU B 88 21.48 -6.22 -18.10
C LEU B 88 22.87 -6.81 -17.81
N MET B 89 23.80 -5.98 -17.31
CA MET B 89 25.19 -6.41 -17.00
C MET B 89 25.18 -7.53 -15.96
N ALA B 90 24.32 -7.43 -14.94
CA ALA B 90 24.13 -8.47 -13.90
C ALA B 90 23.61 -9.75 -14.56
N ALA B 91 22.56 -9.65 -15.38
CA ALA B 91 21.93 -10.80 -16.07
C ALA B 91 22.98 -11.54 -16.90
N ASN B 92 23.81 -10.80 -17.63
CA ASN B 92 24.89 -11.32 -18.50
C ASN B 92 25.90 -12.10 -17.65
N PHE B 93 26.34 -11.53 -16.53
CA PHE B 93 27.32 -12.15 -15.61
C PHE B 93 26.72 -13.43 -14.99
N LEU B 94 25.47 -13.38 -14.53
CA LEU B 94 24.81 -14.47 -13.76
C LEU B 94 24.28 -15.57 -14.71
N ASP B 95 24.13 -15.25 -15.99
CA ASP B 95 23.57 -16.17 -17.03
C ASP B 95 22.22 -16.71 -16.54
N CYS B 96 21.21 -15.85 -16.50
CA CYS B 96 19.81 -16.21 -16.14
C CYS B 96 18.83 -15.31 -16.89
N PRO C 24 11.25 -24.29 -47.98
CA PRO C 24 10.83 -24.17 -46.56
C PRO C 24 9.83 -25.27 -46.15
N VAL C 25 10.27 -26.19 -45.29
CA VAL C 25 9.45 -27.33 -44.78
C VAL C 25 8.29 -26.77 -43.94
N LEU C 26 8.53 -25.74 -43.13
CA LEU C 26 7.46 -25.04 -42.36
C LEU C 26 6.62 -24.20 -43.32
N ARG C 27 5.48 -24.76 -43.74
CA ARG C 27 4.48 -24.06 -44.58
C ARG C 27 3.09 -24.54 -44.16
N SER C 28 2.05 -23.75 -44.45
CA SER C 28 0.63 -24.16 -44.32
C SER C 28 0.33 -25.26 -45.32
N VAL C 29 -0.45 -26.27 -44.91
CA VAL C 29 -1.05 -27.29 -45.80
C VAL C 29 -2.26 -26.64 -46.49
N ASN C 30 -2.35 -26.74 -47.82
CA ASN C 30 -3.46 -26.17 -48.62
C ASN C 30 -4.66 -27.11 -48.53
N SER C 31 -5.23 -27.25 -47.33
CA SER C 31 -6.33 -28.22 -47.00
C SER C 31 -7.64 -27.80 -47.66
N ARG C 32 -7.93 -26.49 -47.69
CA ARG C 32 -9.24 -25.92 -48.08
C ARG C 32 -10.34 -26.39 -47.12
N GLU C 33 -9.97 -26.84 -45.92
CA GLU C 33 -10.89 -27.35 -44.87
C GLU C 33 -11.09 -26.24 -43.84
N PRO C 34 -12.23 -25.50 -43.86
CA PRO C 34 -12.42 -24.37 -42.94
C PRO C 34 -12.29 -24.78 -41.47
N SER C 35 -11.69 -23.90 -40.68
CA SER C 35 -11.49 -24.04 -39.21
C SER C 35 -11.67 -22.66 -38.56
N GLN C 36 -12.61 -22.55 -37.63
CA GLN C 36 -12.92 -21.30 -36.89
C GLN C 36 -12.10 -21.29 -35.61
N VAL C 37 -11.36 -20.22 -35.36
CA VAL C 37 -10.38 -20.10 -34.24
C VAL C 37 -10.71 -18.82 -33.47
N ILE C 38 -10.57 -18.84 -32.15
CA ILE C 38 -10.53 -17.61 -31.30
C ILE C 38 -9.05 -17.31 -31.02
N PHE C 39 -8.53 -16.22 -31.59
CA PHE C 39 -7.24 -15.60 -31.16
C PHE C 39 -7.52 -14.83 -29.87
N CYS C 40 -7.06 -15.37 -28.74
N CYS C 40 -7.04 -15.35 -28.74
CA CYS C 40 -7.19 -14.78 -27.39
CA CYS C 40 -7.25 -14.75 -27.39
C CYS C 40 -5.85 -14.21 -26.95
C CYS C 40 -5.91 -14.22 -26.87
N ASN C 41 -5.73 -12.88 -26.89
CA ASN C 41 -4.51 -12.20 -26.42
C ASN C 41 -4.52 -12.20 -24.89
N ARG C 42 -3.84 -13.16 -24.26
CA ARG C 42 -3.65 -13.22 -22.79
C ARG C 42 -2.22 -12.78 -22.44
N SER C 43 -1.74 -11.75 -23.14
CA SER C 43 -0.42 -11.10 -22.90
C SER C 43 -0.64 -9.62 -22.67
N PRO C 44 0.34 -8.90 -22.06
CA PRO C 44 0.30 -7.45 -21.97
C PRO C 44 0.76 -6.74 -23.26
N ARG C 45 1.13 -7.49 -24.31
CA ARG C 45 1.67 -6.93 -25.58
C ARG C 45 0.55 -6.76 -26.62
N VAL C 46 0.71 -5.79 -27.53
CA VAL C 46 -0.05 -5.74 -28.81
C VAL C 46 0.48 -6.91 -29.67
N VAL C 47 -0.40 -7.82 -30.07
CA VAL C 47 0.01 -9.09 -30.73
C VAL C 47 -0.15 -8.95 -32.25
N LEU C 48 0.90 -9.29 -32.99
CA LEU C 48 0.88 -9.50 -34.46
C LEU C 48 0.71 -10.98 -34.73
N PRO C 49 -0.46 -11.44 -35.26
CA PRO C 49 -0.59 -12.80 -35.78
C PRO C 49 0.21 -12.87 -37.09
N VAL C 50 0.93 -13.97 -37.29
CA VAL C 50 1.77 -14.23 -38.49
C VAL C 50 1.34 -15.55 -39.08
N TRP C 51 0.82 -15.54 -40.32
CA TRP C 51 0.43 -16.75 -41.07
C TRP C 51 1.58 -17.15 -41.99
N LEU C 52 2.04 -18.40 -41.90
CA LEU C 52 3.04 -18.98 -42.82
C LEU C 52 2.29 -19.45 -44.07
N ASN C 53 2.57 -18.83 -45.23
CA ASN C 53 1.81 -19.08 -46.48
C ASN C 53 2.26 -20.44 -47.05
N PHE C 54 1.79 -20.79 -48.25
CA PHE C 54 2.02 -22.12 -48.87
C PHE C 54 3.47 -22.23 -49.34
N ASP C 55 4.20 -21.09 -49.38
CA ASP C 55 5.67 -21.05 -49.62
C ASP C 55 6.42 -20.85 -48.30
N GLY C 56 5.73 -21.00 -47.16
CA GLY C 56 6.34 -20.86 -45.82
C GLY C 56 6.85 -19.46 -45.54
N GLU C 57 6.33 -18.45 -46.25
CA GLU C 57 6.72 -17.01 -46.09
C GLU C 57 5.74 -16.36 -45.12
N PRO C 58 6.25 -15.63 -44.09
CA PRO C 58 5.39 -15.06 -43.06
C PRO C 58 4.56 -13.87 -43.55
N GLN C 59 3.25 -13.89 -43.27
CA GLN C 59 2.28 -12.84 -43.68
C GLN C 59 1.70 -12.20 -42.43
N PRO C 60 1.79 -10.85 -42.29
CA PRO C 60 1.24 -10.17 -41.12
C PRO C 60 -0.28 -10.05 -41.23
N TYR C 61 -0.98 -10.21 -40.09
CA TYR C 61 -2.46 -10.07 -39.97
C TYR C 61 -2.76 -8.94 -39.00
N PRO C 62 -4.01 -8.43 -38.95
CA PRO C 62 -4.37 -7.32 -38.06
C PRO C 62 -3.99 -7.60 -36.60
N THR C 63 -3.53 -6.57 -35.89
CA THR C 63 -3.02 -6.67 -34.51
C THR C 63 -4.18 -6.80 -33.51
N LEU C 64 -3.91 -7.41 -32.36
CA LEU C 64 -4.84 -7.59 -31.22
C LEU C 64 -4.30 -6.82 -30.02
N PRO C 65 -5.03 -5.79 -29.51
CA PRO C 65 -4.63 -5.12 -28.28
C PRO C 65 -4.61 -6.10 -27.10
N PRO C 66 -3.86 -5.79 -26.03
CA PRO C 66 -3.82 -6.63 -24.82
C PRO C 66 -5.23 -6.89 -24.29
N GLY C 67 -5.51 -8.11 -23.84
CA GLY C 67 -6.79 -8.50 -23.20
C GLY C 67 -7.97 -8.43 -24.17
N THR C 68 -7.72 -8.68 -25.46
CA THR C 68 -8.78 -8.73 -26.51
C THR C 68 -8.78 -10.10 -27.17
N GLY C 69 -9.93 -10.53 -27.68
CA GLY C 69 -10.09 -11.77 -28.46
C GLY C 69 -10.85 -11.53 -29.74
N ARG C 70 -10.59 -12.34 -30.77
CA ARG C 70 -11.30 -12.27 -32.07
C ARG C 70 -11.56 -13.69 -32.58
N ARG C 71 -12.77 -13.94 -33.07
CA ARG C 71 -13.13 -15.14 -33.85
C ARG C 71 -12.69 -14.93 -35.29
N ILE C 72 -11.79 -15.78 -35.80
CA ILE C 72 -11.20 -15.62 -37.17
C ILE C 72 -11.43 -16.91 -37.96
N HIS C 73 -11.46 -16.76 -39.29
CA HIS C 73 -11.62 -17.85 -40.29
C HIS C 73 -10.24 -18.31 -40.74
N SER C 74 -9.87 -19.55 -40.44
CA SER C 74 -8.62 -20.19 -40.93
C SER C 74 -8.95 -21.57 -41.51
N TYR C 75 -7.96 -22.45 -41.60
CA TYR C 75 -8.05 -23.75 -42.29
C TYR C 75 -7.16 -24.77 -41.57
N ARG C 76 -7.56 -26.04 -41.64
CA ARG C 76 -6.80 -27.18 -41.04
C ARG C 76 -5.41 -27.22 -41.70
N GLY C 77 -4.37 -27.43 -40.89
CA GLY C 77 -2.98 -27.57 -41.35
C GLY C 77 -2.33 -26.24 -41.69
N HIS C 78 -3.03 -25.12 -41.46
CA HIS C 78 -2.45 -23.75 -41.58
C HIS C 78 -1.56 -23.50 -40.36
N LEU C 79 -0.49 -22.75 -40.53
CA LEU C 79 0.55 -22.53 -39.48
C LEU C 79 0.54 -21.06 -39.08
N TRP C 80 0.45 -20.81 -37.78
CA TRP C 80 0.51 -19.46 -37.18
C TRP C 80 1.63 -19.38 -36.15
N LEU C 81 2.26 -18.22 -36.04
CA LEU C 81 3.00 -17.82 -34.83
C LEU C 81 2.57 -16.40 -34.49
N PHE C 82 2.95 -15.93 -33.31
CA PHE C 82 2.46 -14.67 -32.71
C PHE C 82 3.68 -13.94 -32.12
N ARG C 83 3.77 -12.65 -32.42
N ARG C 83 3.77 -12.64 -32.43
CA ARG C 83 4.92 -11.78 -32.06
CA ARG C 83 4.91 -11.76 -32.07
C ARG C 83 4.37 -10.48 -31.44
C ARG C 83 4.35 -10.49 -31.41
N ASP C 84 5.19 -9.78 -30.66
CA ASP C 84 4.91 -8.39 -30.23
C ASP C 84 4.90 -7.55 -31.51
N ALA C 85 3.81 -6.83 -31.77
CA ALA C 85 3.58 -6.03 -33.00
C ALA C 85 4.69 -4.99 -33.23
N GLY C 86 5.25 -4.43 -32.15
CA GLY C 86 6.22 -3.32 -32.20
C GLY C 86 7.68 -3.79 -32.22
N THR C 87 8.02 -4.84 -31.47
CA THR C 87 9.43 -5.26 -31.23
C THR C 87 9.73 -6.60 -31.88
N HIS C 88 8.70 -7.36 -32.27
CA HIS C 88 8.77 -8.73 -32.84
C HIS C 88 9.30 -9.74 -31.82
N ASP C 89 9.23 -9.43 -30.51
CA ASP C 89 9.55 -10.39 -29.43
C ASP C 89 8.69 -11.64 -29.63
N GLY C 90 9.27 -12.82 -29.36
CA GLY C 90 8.56 -14.12 -29.40
C GLY C 90 7.45 -14.18 -28.36
N LEU C 91 6.29 -14.70 -28.76
CA LEU C 91 5.17 -15.03 -27.85
C LEU C 91 4.82 -16.51 -28.01
N LEU C 92 4.13 -17.08 -27.02
CA LEU C 92 3.67 -18.49 -27.05
C LEU C 92 2.19 -18.50 -27.39
N VAL C 93 1.74 -19.60 -28.00
CA VAL C 93 0.31 -19.86 -28.33
C VAL C 93 0.01 -21.28 -27.84
N ASN C 94 -0.90 -21.43 -26.88
CA ASN C 94 -1.20 -22.70 -26.17
C ASN C 94 0.13 -23.30 -25.67
N GLN C 95 0.97 -22.45 -25.07
CA GLN C 95 2.26 -22.78 -24.38
C GLN C 95 3.31 -23.34 -25.36
N THR C 96 3.19 -23.09 -26.66
CA THR C 96 4.20 -23.53 -27.67
C THR C 96 4.39 -22.46 -28.76
N GLU C 97 5.31 -22.73 -29.69
CA GLU C 97 5.80 -21.77 -30.72
C GLU C 97 4.74 -21.58 -31.80
N LEU C 98 4.23 -22.69 -32.33
CA LEU C 98 3.36 -22.72 -33.53
C LEU C 98 1.93 -23.13 -33.13
N PHE C 99 0.95 -22.60 -33.87
CA PHE C 99 -0.48 -22.98 -33.74
C PHE C 99 -0.98 -23.52 -35.09
N VAL C 100 -1.61 -24.70 -35.05
CA VAL C 100 -2.18 -25.40 -36.24
C VAL C 100 -3.65 -25.65 -35.97
N PRO C 101 -4.59 -24.94 -36.65
CA PRO C 101 -6.01 -25.20 -36.49
C PRO C 101 -6.34 -26.64 -36.88
N SER C 102 -7.18 -27.29 -36.07
CA SER C 102 -7.73 -28.66 -36.30
C SER C 102 -9.21 -28.53 -36.70
N LEU C 103 -9.84 -29.67 -36.98
CA LEU C 103 -11.31 -29.81 -37.20
C LEU C 103 -12.07 -29.28 -35.97
N ASN C 104 -13.01 -28.35 -36.17
CA ASN C 104 -13.98 -27.91 -35.12
C ASN C 104 -14.91 -29.08 -34.77
N VAL C 105 -14.96 -29.47 -33.49
CA VAL C 105 -15.91 -30.51 -32.98
C VAL C 105 -17.12 -29.80 -32.36
N ASP C 106 -18.33 -30.23 -32.75
CA ASP C 106 -19.62 -29.83 -32.12
C ASP C 106 -19.82 -28.32 -32.23
N GLY C 107 -19.33 -27.70 -33.33
CA GLY C 107 -19.47 -26.26 -33.60
C GLY C 107 -18.75 -25.40 -32.57
N GLN C 108 -17.75 -25.96 -31.89
CA GLN C 108 -16.91 -25.24 -30.89
C GLN C 108 -15.67 -24.71 -31.60
N PRO C 109 -15.32 -23.42 -31.44
CA PRO C 109 -14.11 -22.87 -32.04
C PRO C 109 -12.86 -23.42 -31.31
N ILE C 110 -11.74 -23.49 -32.01
CA ILE C 110 -10.41 -23.81 -31.43
C ILE C 110 -9.90 -22.54 -30.75
N PHE C 111 -9.49 -22.63 -29.48
CA PHE C 111 -8.89 -21.49 -28.74
C PHE C 111 -7.39 -21.46 -29.01
N ALA C 112 -6.89 -20.31 -29.46
CA ALA C 112 -5.44 -19.98 -29.55
C ALA C 112 -5.11 -18.96 -28.47
N ASN C 113 -4.69 -19.44 -27.30
CA ASN C 113 -4.37 -18.60 -26.11
C ASN C 113 -2.91 -18.12 -26.24
N ILE C 114 -2.75 -16.82 -26.54
CA ILE C 114 -1.42 -16.19 -26.78
C ILE C 114 -0.91 -15.62 -25.46
N THR C 115 0.27 -16.05 -25.01
CA THR C 115 0.85 -15.65 -23.70
C THR C 115 2.28 -15.18 -23.87
N LEU C 116 2.78 -14.40 -22.91
CA LEU C 116 4.23 -14.12 -22.72
C LEU C 116 4.92 -15.44 -22.41
N PRO C 117 6.09 -15.73 -23.01
CA PRO C 117 6.96 -16.77 -22.46
C PRO C 117 7.58 -16.17 -21.19
N VAL C 118 8.19 -17.01 -20.36
CA VAL C 118 9.12 -16.56 -19.29
C VAL C 118 10.45 -16.28 -19.98
N TYR C 119 10.67 -15.03 -20.38
CA TYR C 119 11.95 -14.57 -20.99
C TYR C 119 13.05 -14.77 -19.94
N THR C 120 14.26 -15.09 -20.38
CA THR C 120 15.48 -15.02 -19.53
C THR C 120 15.58 -13.56 -19.07
N LEU C 121 16.18 -13.32 -17.90
CA LEU C 121 16.35 -11.94 -17.38
C LEU C 121 17.21 -11.16 -18.39
N LYS C 122 18.27 -11.77 -18.93
CA LYS C 122 19.11 -11.12 -19.97
C LYS C 122 18.22 -10.64 -21.13
N GLU C 123 17.39 -11.52 -21.70
CA GLU C 123 16.55 -11.17 -22.88
C GLU C 123 15.58 -10.05 -22.51
N ARG C 124 15.00 -10.10 -21.31
CA ARG C 124 14.04 -9.07 -20.82
C ARG C 124 14.75 -7.72 -20.67
N CYS C 125 15.97 -7.72 -20.13
CA CYS C 125 16.84 -6.51 -20.02
C CYS C 125 17.14 -5.97 -21.43
N LEU C 126 17.50 -6.83 -22.38
CA LEU C 126 17.79 -6.43 -23.78
C LEU C 126 16.54 -5.76 -24.38
N GLN C 127 15.36 -6.33 -24.13
CA GLN C 127 14.05 -5.76 -24.58
C GLN C 127 13.88 -4.33 -24.07
N VAL C 128 14.11 -4.08 -22.78
CA VAL C 128 13.88 -2.75 -22.14
C VAL C 128 14.92 -1.76 -22.70
N VAL C 129 16.19 -2.17 -22.81
CA VAL C 129 17.29 -1.30 -23.32
C VAL C 129 16.97 -0.91 -24.77
N ARG C 130 16.60 -1.86 -25.62
CA ARG C 130 16.18 -1.61 -27.03
C ARG C 130 15.03 -0.59 -27.06
N SER C 131 14.08 -0.68 -26.12
CA SER C 131 12.88 0.18 -26.06
C SER C 131 13.26 1.61 -25.66
N LEU C 132 14.42 1.80 -25.01
CA LEU C 132 14.87 3.11 -24.47
C LEU C 132 15.93 3.77 -25.38
N VAL C 133 16.72 2.98 -26.11
CA VAL C 133 17.92 3.48 -26.87
C VAL C 133 17.72 3.19 -28.36
N LYS C 134 17.95 4.21 -29.21
CA LYS C 134 17.91 4.07 -30.69
C LYS C 134 19.08 3.20 -31.12
N PRO C 135 18.90 2.28 -32.10
CA PRO C 135 19.97 1.40 -32.57
C PRO C 135 21.34 2.07 -32.82
N GLU C 136 21.33 3.27 -33.40
CA GLU C 136 22.56 4.03 -33.76
C GLU C 136 23.32 4.41 -32.48
N ASN C 137 22.67 4.36 -31.30
CA ASN C 137 23.27 4.78 -30.00
C ASN C 137 23.62 3.58 -29.12
N TYR C 138 23.39 2.34 -29.57
CA TYR C 138 23.80 1.11 -28.83
C TYR C 138 25.30 1.17 -28.50
N ARG C 139 26.13 1.54 -29.49
CA ARG C 139 27.61 1.56 -29.39
C ARG C 139 28.07 2.67 -28.43
N ARG C 140 27.19 3.59 -28.04
CA ARG C 140 27.51 4.70 -27.10
C ARG C 140 27.31 4.25 -25.64
N LEU C 141 26.76 3.05 -25.40
CA LEU C 141 26.50 2.54 -24.03
C LEU C 141 27.80 2.06 -23.41
N ASP C 142 27.99 2.32 -22.11
CA ASP C 142 29.19 1.92 -21.33
C ASP C 142 29.03 0.47 -20.89
N ILE C 143 29.13 -0.46 -21.85
CA ILE C 143 28.97 -1.93 -21.65
C ILE C 143 29.99 -2.66 -22.53
N VAL C 144 30.32 -3.89 -22.16
CA VAL C 144 31.26 -4.78 -22.93
C VAL C 144 30.71 -4.96 -24.36
N ARG C 145 31.63 -5.09 -25.33
CA ARG C 145 31.33 -5.20 -26.78
C ARG C 145 30.28 -6.30 -27.03
N SER C 146 30.43 -7.48 -26.42
CA SER C 146 29.54 -8.65 -26.59
C SER C 146 28.07 -8.25 -26.39
N LEU C 147 27.79 -7.30 -25.48
CA LEU C 147 26.40 -6.83 -25.19
C LEU C 147 25.90 -5.89 -26.30
N TYR C 148 26.79 -5.16 -26.98
CA TYR C 148 26.43 -4.35 -28.19
C TYR C 148 25.81 -5.27 -29.24
N GLU C 149 26.52 -6.36 -29.57
CA GLU C 149 26.10 -7.40 -30.55
C GLU C 149 24.76 -8.00 -30.12
N ASP C 150 24.59 -8.28 -28.81
CA ASP C 150 23.34 -8.86 -28.26
C ASP C 150 22.19 -7.87 -28.46
N LEU C 151 22.40 -6.58 -28.17
CA LEU C 151 21.37 -5.53 -28.41
C LEU C 151 20.98 -5.53 -29.90
N GLU C 152 21.97 -5.56 -30.80
CA GLU C 152 21.78 -5.45 -32.27
C GLU C 152 21.09 -6.70 -32.83
N ASP C 153 21.19 -7.84 -32.14
CA ASP C 153 20.59 -9.13 -32.58
C ASP C 153 19.10 -9.11 -32.22
N HIS C 154 18.34 -8.24 -32.89
CA HIS C 154 16.87 -8.06 -32.72
C HIS C 154 16.16 -9.38 -32.99
N PRO C 155 15.07 -9.70 -32.27
CA PRO C 155 14.25 -10.87 -32.60
C PRO C 155 13.68 -10.69 -34.01
N ASN C 156 13.69 -11.75 -34.81
CA ASN C 156 13.12 -11.75 -36.18
C ASN C 156 12.55 -13.14 -36.48
N VAL C 157 11.44 -13.16 -37.24
CA VAL C 157 10.62 -14.38 -37.49
C VAL C 157 11.45 -15.34 -38.35
N GLN C 158 12.12 -14.82 -39.37
CA GLN C 158 12.92 -15.63 -40.33
C GLN C 158 13.87 -16.55 -39.57
N LYS C 159 14.64 -16.03 -38.61
CA LYS C 159 15.66 -16.79 -37.84
C LYS C 159 14.95 -17.88 -37.00
N ASP C 160 13.83 -17.54 -36.36
CA ASP C 160 13.05 -18.46 -35.50
C ASP C 160 12.46 -19.59 -36.34
N LEU C 161 12.03 -19.30 -37.57
CA LEU C 161 11.44 -20.32 -38.50
C LEU C 161 12.50 -21.38 -38.85
N GLU C 162 13.76 -20.96 -39.03
CA GLU C 162 14.88 -21.86 -39.40
C GLU C 162 15.18 -22.82 -38.23
N ARG C 163 15.24 -22.30 -37.00
CA ARG C 163 15.47 -23.11 -35.78
C ARG C 163 14.33 -24.13 -35.64
N LEU C 164 13.08 -23.70 -35.87
CA LEU C 164 11.87 -24.56 -35.80
C LEU C 164 11.91 -25.60 -36.92
N THR C 165 12.46 -25.25 -38.08
CA THR C 165 12.60 -26.15 -39.26
C THR C 165 13.60 -27.28 -38.93
N GLN C 166 14.66 -26.97 -38.17
CA GLN C 166 15.69 -27.94 -37.71
C GLN C 166 15.13 -28.79 -36.56
N GLU C 167 14.36 -28.17 -35.64
CA GLU C 167 13.67 -28.87 -34.52
C GLU C 167 12.67 -29.90 -35.06
N ARG C 168 12.04 -29.60 -36.21
CA ARG C 168 11.03 -30.48 -36.87
C ARG C 168 11.73 -31.69 -37.50
N ILE C 169 12.82 -31.45 -38.23
CA ILE C 169 13.63 -32.50 -38.92
C ILE C 169 14.30 -33.39 -37.85
N ALA C 170 14.75 -32.78 -36.74
CA ALA C 170 15.39 -33.47 -35.59
C ALA C 170 14.44 -34.52 -35.01
N HIS C 171 13.18 -34.16 -34.79
CA HIS C 171 12.10 -35.06 -34.29
C HIS C 171 11.73 -36.09 -35.38
N GLN C 172 11.56 -35.63 -36.63
CA GLN C 172 11.32 -36.50 -37.81
C GLN C 172 12.50 -37.48 -37.98
N MET D 1 -17.70 -3.88 5.72
CA MET D 1 -16.62 -3.07 6.34
C MET D 1 -16.27 -1.90 5.41
N ASP D 2 -16.29 -0.67 5.94
CA ASP D 2 -15.93 0.56 5.20
C ASP D 2 -14.41 0.69 5.16
N VAL D 3 -13.85 1.09 4.01
CA VAL D 3 -12.42 1.47 3.88
C VAL D 3 -12.39 2.94 3.42
N PHE D 4 -11.42 3.70 3.93
CA PHE D 4 -11.31 5.17 3.73
C PHE D 4 -10.10 5.46 2.83
N LEU D 5 -10.36 6.16 1.73
CA LEU D 5 -9.44 6.29 0.57
C LEU D 5 -9.08 7.77 0.33
N MET D 6 -7.91 7.98 -0.27
CA MET D 6 -7.54 9.20 -1.02
C MET D 6 -7.27 8.75 -2.46
N ILE D 7 -8.12 9.16 -3.41
CA ILE D 7 -7.95 8.87 -4.86
C ILE D 7 -7.21 10.05 -5.46
N ARG D 8 -5.94 9.84 -5.85
CA ARG D 8 -4.98 10.91 -6.15
C ARG D 8 -4.49 10.79 -7.60
N ARG D 9 -4.61 11.89 -8.35
CA ARG D 9 -3.97 12.12 -9.67
C ARG D 9 -3.42 13.54 -9.69
N HIS D 10 -2.14 13.70 -10.04
CA HIS D 10 -1.46 15.02 -10.22
C HIS D 10 -1.57 15.79 -8.90
N LYS D 11 -2.26 16.93 -8.88
CA LYS D 11 -2.47 17.76 -7.66
C LYS D 11 -3.94 17.69 -7.25
N THR D 12 -4.62 16.59 -7.56
CA THR D 12 -6.05 16.32 -7.24
C THR D 12 -6.10 15.14 -6.26
N THR D 13 -6.91 15.26 -5.21
CA THR D 13 -7.14 14.23 -4.16
C THR D 13 -8.65 14.16 -3.84
N ILE D 14 -9.26 13.00 -4.04
CA ILE D 14 -10.67 12.70 -3.63
C ILE D 14 -10.63 11.90 -2.33
N PHE D 15 -11.21 12.44 -1.27
CA PHE D 15 -11.51 11.74 0.00
C PHE D 15 -12.89 11.09 -0.12
N THR D 16 -12.96 9.77 -0.06
CA THR D 16 -14.24 9.01 -0.04
C THR D 16 -14.03 7.66 0.67
N ASP D 17 -15.15 7.03 1.03
CA ASP D 17 -15.20 5.68 1.63
C ASP D 17 -15.87 4.75 0.62
N ALA D 18 -15.54 3.46 0.68
CA ALA D 18 -16.19 2.37 -0.08
C ALA D 18 -16.26 1.13 0.80
N LYS D 19 -17.06 0.14 0.39
CA LYS D 19 -17.12 -1.19 1.05
C LYS D 19 -15.87 -1.97 0.62
N GLU D 20 -15.33 -2.79 1.53
CA GLU D 20 -14.22 -3.75 1.26
C GLU D 20 -14.68 -4.74 0.17
N SER D 21 -15.98 -5.05 0.14
CA SER D 21 -16.64 -5.99 -0.81
C SER D 21 -16.87 -5.32 -2.17
N SER D 22 -16.79 -4.00 -2.27
CA SER D 22 -16.99 -3.25 -3.53
C SER D 22 -15.78 -3.47 -4.45
N THR D 23 -15.96 -3.31 -5.75
CA THR D 23 -14.96 -3.66 -6.80
C THR D 23 -14.20 -2.41 -7.26
N VAL D 24 -13.01 -2.63 -7.85
CA VAL D 24 -12.17 -1.59 -8.50
C VAL D 24 -13.02 -0.83 -9.51
N PHE D 25 -13.80 -1.54 -10.34
CA PHE D 25 -14.65 -0.92 -11.39
C PHE D 25 -15.64 0.06 -10.75
N GLU D 26 -16.31 -0.37 -9.67
CA GLU D 26 -17.30 0.45 -8.92
C GLU D 26 -16.63 1.73 -8.42
N LEU D 27 -15.35 1.67 -8.04
CA LEU D 27 -14.59 2.86 -7.57
C LEU D 27 -14.25 3.77 -8.75
N LYS D 28 -14.03 3.20 -9.94
CA LYS D 28 -13.89 3.99 -11.20
C LYS D 28 -15.21 4.70 -11.52
N ARG D 29 -16.35 4.08 -11.23
CA ARG D 29 -17.70 4.69 -11.42
C ARG D 29 -17.87 5.88 -10.46
N ILE D 30 -17.41 5.75 -9.21
CA ILE D 30 -17.43 6.87 -8.21
C ILE D 30 -16.61 8.02 -8.80
N VAL D 31 -15.42 7.72 -9.31
CA VAL D 31 -14.45 8.69 -9.91
C VAL D 31 -15.10 9.35 -11.14
N GLU D 32 -15.89 8.59 -11.91
CA GLU D 32 -16.63 9.10 -13.10
C GLU D 32 -17.64 10.16 -12.67
N GLY D 33 -18.39 9.91 -11.59
CA GLY D 33 -19.39 10.85 -11.04
C GLY D 33 -18.78 12.18 -10.64
N ILE D 34 -17.49 12.19 -10.29
CA ILE D 34 -16.75 13.39 -9.77
C ILE D 34 -15.98 14.06 -10.92
N LEU D 35 -14.98 13.36 -11.49
CA LEU D 35 -14.00 13.93 -12.46
C LEU D 35 -14.48 13.78 -13.91
N LYS D 36 -15.65 13.15 -14.13
CA LYS D 36 -16.37 13.14 -15.43
C LYS D 36 -15.56 12.40 -16.51
N ARG D 37 -14.89 11.31 -16.13
CA ARG D 37 -14.12 10.43 -17.07
C ARG D 37 -14.60 8.98 -16.87
N PRO D 38 -14.93 8.25 -17.97
CA PRO D 38 -15.50 6.91 -17.86
C PRO D 38 -14.48 5.89 -17.36
N PRO D 39 -14.93 4.75 -16.78
CA PRO D 39 -14.02 3.72 -16.26
C PRO D 39 -12.90 3.25 -17.21
N ASP D 40 -13.21 3.04 -18.49
CA ASP D 40 -12.24 2.50 -19.48
C ASP D 40 -11.14 3.54 -19.79
N GLU D 41 -11.31 4.79 -19.33
CA GLU D 41 -10.29 5.86 -19.46
C GLU D 41 -9.49 6.03 -18.15
N GLN D 42 -9.64 5.09 -17.20
CA GLN D 42 -8.99 5.16 -15.85
C GLN D 42 -8.17 3.91 -15.57
N ARG D 43 -6.98 4.09 -14.96
CA ARG D 43 -6.21 3.05 -14.27
C ARG D 43 -6.11 3.43 -12.78
N LEU D 44 -6.44 2.50 -11.89
CA LEU D 44 -6.28 2.66 -10.41
C LEU D 44 -5.12 1.79 -9.94
N TYR D 45 -4.34 2.30 -8.99
CA TYR D 45 -3.09 1.68 -8.45
C TYR D 45 -3.14 1.65 -6.92
N LYS D 46 -2.49 0.63 -6.33
CA LYS D 46 -2.06 0.65 -4.91
C LYS D 46 -0.55 0.40 -4.88
N ASP D 47 0.22 1.32 -4.30
CA ASP D 47 1.70 1.25 -4.21
C ASP D 47 2.27 0.87 -5.57
N ASP D 48 1.90 1.63 -6.61
CA ASP D 48 2.46 1.53 -7.99
C ASP D 48 2.16 0.15 -8.60
N GLN D 49 1.16 -0.58 -8.09
CA GLN D 49 0.68 -1.86 -8.68
C GLN D 49 -0.71 -1.63 -9.29
N LEU D 50 -0.89 -1.99 -10.57
CA LEU D 50 -2.17 -1.79 -11.31
C LEU D 50 -3.23 -2.75 -10.76
N LEU D 51 -4.43 -2.24 -10.46
CA LEU D 51 -5.56 -3.03 -9.88
C LEU D 51 -6.49 -3.49 -11.00
N ASP D 52 -6.90 -4.77 -10.96
CA ASP D 52 -7.82 -5.40 -11.94
C ASP D 52 -9.25 -4.92 -11.62
N ASP D 53 -10.02 -4.56 -12.65
CA ASP D 53 -11.42 -4.05 -12.55
C ASP D 53 -12.28 -4.98 -11.70
N GLY D 54 -12.12 -6.30 -11.86
CA GLY D 54 -12.98 -7.33 -11.26
C GLY D 54 -12.71 -7.57 -9.78
N LYS D 55 -11.59 -7.10 -9.24
CA LYS D 55 -11.16 -7.39 -7.84
C LYS D 55 -11.90 -6.50 -6.84
N THR D 56 -12.25 -7.06 -5.69
CA THR D 56 -12.77 -6.29 -4.51
C THR D 56 -11.61 -5.46 -3.95
N LEU D 57 -11.93 -4.36 -3.27
CA LEU D 57 -10.93 -3.46 -2.64
C LEU D 57 -10.16 -4.22 -1.56
N GLY D 58 -10.80 -5.20 -0.92
CA GLY D 58 -10.15 -6.17 -0.01
C GLY D 58 -9.10 -6.99 -0.73
N GLU D 59 -9.44 -7.54 -1.90
CA GLU D 59 -8.52 -8.35 -2.75
C GLU D 59 -7.37 -7.48 -3.26
N CYS D 60 -7.50 -6.15 -3.19
CA CYS D 60 -6.46 -5.15 -3.62
C CYS D 60 -5.64 -4.64 -2.42
N GLY D 61 -5.98 -5.05 -1.20
CA GLY D 61 -5.18 -4.76 0.02
C GLY D 61 -5.70 -3.56 0.82
N PHE D 62 -6.88 -3.04 0.47
CA PHE D 62 -7.61 -2.00 1.25
C PHE D 62 -8.51 -2.69 2.27
N THR D 63 -8.15 -2.60 3.55
CA THR D 63 -8.82 -3.27 4.70
C THR D 63 -9.05 -2.22 5.80
N SER D 64 -9.79 -2.59 6.85
CA SER D 64 -10.06 -1.73 8.03
C SER D 64 -8.75 -1.24 8.65
N GLN D 65 -7.66 -2.02 8.51
CA GLN D 65 -6.34 -1.77 9.12
C GLN D 65 -5.52 -0.80 8.25
N THR D 66 -5.61 -0.90 6.93
CA THR D 66 -4.75 -0.18 5.96
C THR D 66 -5.40 1.13 5.51
N ALA D 67 -6.71 1.31 5.75
CA ALA D 67 -7.52 2.41 5.17
C ALA D 67 -8.48 2.98 6.22
N ARG D 68 -7.94 3.65 7.25
CA ARG D 68 -8.72 4.21 8.39
C ARG D 68 -9.14 5.64 8.07
N PRO D 69 -10.20 6.16 8.75
CA PRO D 69 -10.66 7.54 8.53
C PRO D 69 -9.57 8.59 8.74
N GLN D 70 -8.77 8.43 9.80
CA GLN D 70 -7.73 9.41 10.24
C GLN D 70 -6.40 9.14 9.53
N ALA D 71 -6.31 8.06 8.76
CA ALA D 71 -5.10 7.65 8.00
C ALA D 71 -5.54 6.83 6.78
N PRO D 72 -6.12 7.47 5.76
CA PRO D 72 -6.66 6.75 4.61
C PRO D 72 -5.58 6.19 3.68
N ALA D 73 -5.92 5.13 2.95
CA ALA D 73 -5.08 4.45 1.94
C ALA D 73 -5.13 5.22 0.63
N THR D 74 -3.99 5.40 -0.03
CA THR D 74 -3.90 6.15 -1.32
C THR D 74 -4.21 5.19 -2.47
N VAL D 75 -5.15 5.60 -3.33
CA VAL D 75 -5.42 4.96 -4.65
C VAL D 75 -4.86 5.90 -5.74
N GLY D 76 -3.77 5.49 -6.39
CA GLY D 76 -3.22 6.20 -7.57
C GLY D 76 -4.17 6.10 -8.75
N LEU D 77 -4.42 7.22 -9.43
CA LEU D 77 -5.34 7.33 -10.60
C LEU D 77 -4.55 7.87 -11.80
N ALA D 78 -4.66 7.20 -12.94
CA ALA D 78 -4.07 7.64 -14.23
C ALA D 78 -5.16 7.67 -15.29
N PHE D 79 -5.21 8.74 -16.10
CA PHE D 79 -6.20 8.94 -17.19
C PHE D 79 -5.56 8.62 -18.54
N ARG D 80 -6.37 8.08 -19.46
CA ARG D 80 -6.01 7.80 -20.87
C ARG D 80 -6.26 9.07 -21.68
N ALA D 81 -5.19 9.64 -22.27
CA ALA D 81 -5.22 10.82 -23.17
C ALA D 81 -5.37 10.35 -24.62
N ASP D 82 -6.60 10.05 -25.02
CA ASP D 82 -7.01 9.53 -26.37
C ASP D 82 -6.55 8.08 -26.52
N ASP D 83 -5.34 7.85 -27.02
CA ASP D 83 -4.84 6.51 -27.42
C ASP D 83 -4.09 5.84 -26.25
N THR D 84 -3.28 6.61 -25.52
CA THR D 84 -2.28 6.10 -24.55
C THR D 84 -2.61 6.59 -23.13
N PHE D 85 -2.45 5.72 -22.14
CA PHE D 85 -2.54 6.04 -20.69
C PHE D 85 -1.27 6.79 -20.27
N GLU D 86 -1.44 7.92 -19.58
CA GLU D 86 -0.31 8.65 -18.93
C GLU D 86 0.35 7.72 -17.92
N ALA D 87 1.62 7.97 -17.59
CA ALA D 87 2.33 7.35 -16.46
C ALA D 87 1.69 7.88 -15.16
N LEU D 88 1.47 7.01 -14.17
CA LEU D 88 0.92 7.40 -12.86
C LEU D 88 1.80 8.52 -12.28
N CYS D 89 1.21 9.69 -12.01
CA CYS D 89 1.89 10.88 -11.43
C CYS D 89 1.06 11.46 -10.29
N ILE D 90 1.56 11.33 -9.06
CA ILE D 90 0.96 11.91 -7.83
C ILE D 90 1.93 12.98 -7.31
N GLU D 91 1.50 14.25 -7.33
CA GLU D 91 2.31 15.38 -6.80
C GLU D 91 2.30 15.28 -5.29
N PRO D 92 3.46 15.22 -4.60
CA PRO D 92 3.47 15.16 -3.15
C PRO D 92 2.93 16.47 -2.58
N PHE D 93 2.40 16.43 -1.35
CA PHE D 93 1.97 17.64 -0.61
C PHE D 93 3.21 18.46 -0.28
N SER D 94 3.05 19.76 -0.08
CA SER D 94 4.13 20.70 0.34
C SER D 94 4.88 20.09 1.53
N SER D 95 6.16 20.42 1.67
CA SER D 95 7.02 19.99 2.80
C SER D 95 6.77 20.91 3.99
N PRO D 96 6.61 20.37 5.22
CA PRO D 96 6.45 21.21 6.40
C PRO D 96 7.75 21.95 6.68
N PRO D 97 7.71 23.13 7.32
CA PRO D 97 8.93 23.88 7.65
C PRO D 97 9.76 23.14 8.71
N GLU D 98 11.00 23.59 8.91
CA GLU D 98 11.92 23.10 9.98
C GLU D 98 11.16 23.18 11.32
N LEU D 99 11.31 22.17 12.18
CA LEU D 99 10.66 22.12 13.50
C LEU D 99 11.23 23.23 14.38
N PRO D 100 10.42 24.24 14.78
CA PRO D 100 10.90 25.35 15.60
C PRO D 100 11.73 24.94 16.83
N ASP D 101 12.67 25.80 17.25
CA ASP D 101 13.61 25.54 18.37
C ASP D 101 12.85 25.12 19.63
N VAL D 102 11.75 25.80 19.96
CA VAL D 102 10.99 25.61 21.24
C VAL D 102 10.23 24.28 21.21
N MET D 103 10.17 23.59 20.06
CA MET D 103 9.53 22.26 19.92
C MET D 103 10.59 21.15 19.94
N LYS D 104 11.76 21.40 20.54
CA LYS D 104 12.86 20.42 20.72
C LYS D 104 13.32 20.43 22.18
N MET E 1 -23.02 16.86 -4.28
CA MET E 1 -22.80 16.35 -2.89
C MET E 1 -21.30 16.43 -2.52
N TYR E 2 -20.41 16.63 -3.50
CA TYR E 2 -18.97 16.92 -3.26
C TYR E 2 -18.70 18.41 -3.45
N VAL E 3 -17.69 18.93 -2.74
CA VAL E 3 -17.15 20.31 -2.86
C VAL E 3 -15.64 20.19 -3.01
N LYS E 4 -14.99 21.24 -3.50
CA LYS E 4 -13.52 21.27 -3.73
C LYS E 4 -12.89 22.32 -2.81
N LEU E 5 -11.88 21.92 -2.04
CA LEU E 5 -11.04 22.81 -1.21
C LEU E 5 -9.65 22.85 -1.83
N ILE E 6 -9.12 24.05 -2.07
CA ILE E 6 -7.84 24.26 -2.81
C ILE E 6 -6.82 24.91 -1.88
N SER E 7 -5.68 24.24 -1.67
CA SER E 7 -4.56 24.70 -0.80
C SER E 7 -3.88 25.90 -1.45
N SER E 8 -2.93 26.51 -0.74
CA SER E 8 -2.13 27.68 -1.20
C SER E 8 -1.28 27.24 -2.40
N ASP E 9 -0.76 26.00 -2.35
CA ASP E 9 0.19 25.42 -3.35
C ASP E 9 -0.58 24.71 -4.47
N GLY E 10 -1.91 24.92 -4.55
CA GLY E 10 -2.74 24.52 -5.70
C GLY E 10 -3.15 23.05 -5.69
N HIS E 11 -3.09 22.37 -4.54
CA HIS E 11 -3.67 21.01 -4.38
C HIS E 11 -5.20 21.14 -4.24
N GLU E 12 -5.96 20.36 -5.01
CA GLU E 12 -7.44 20.37 -5.03
C GLU E 12 -7.96 19.14 -4.27
N PHE E 13 -8.56 19.37 -3.10
CA PHE E 13 -9.10 18.31 -2.22
C PHE E 13 -10.63 18.25 -2.40
N ILE E 14 -11.12 17.17 -2.99
CA ILE E 14 -12.57 16.92 -3.23
C ILE E 14 -13.11 16.12 -2.04
N VAL E 15 -14.03 16.71 -1.28
CA VAL E 15 -14.62 16.07 -0.06
C VAL E 15 -16.14 16.17 -0.17
N LYS E 16 -16.86 15.27 0.52
CA LYS E 16 -18.33 15.32 0.68
C LYS E 16 -18.72 16.65 1.33
N ARG E 17 -19.77 17.31 0.83
CA ARG E 17 -20.25 18.62 1.36
C ARG E 17 -20.51 18.46 2.86
N GLU E 18 -21.24 17.40 3.23
CA GLU E 18 -21.53 16.96 4.63
C GLU E 18 -20.25 17.05 5.49
N HIS E 19 -19.14 16.49 5.00
CA HIS E 19 -17.84 16.42 5.72
C HIS E 19 -17.25 17.83 5.87
N ALA E 20 -17.22 18.61 4.78
CA ALA E 20 -16.71 19.99 4.73
C ALA E 20 -17.50 20.89 5.70
N LEU E 21 -18.81 20.66 5.84
CA LEU E 21 -19.69 21.47 6.73
C LEU E 21 -19.35 21.20 8.20
N THR E 22 -18.35 20.38 8.50
CA THR E 22 -17.73 20.24 9.85
C THR E 22 -17.16 21.61 10.27
N SER E 23 -16.57 22.33 9.33
CA SER E 23 -16.06 23.73 9.51
C SER E 23 -17.21 24.72 9.35
N GLY E 24 -17.48 25.52 10.39
CA GLY E 24 -18.44 26.65 10.34
C GLY E 24 -18.00 27.70 9.34
N THR E 25 -16.69 27.95 9.25
CA THR E 25 -16.05 28.87 8.29
C THR E 25 -16.41 28.43 6.86
N ILE E 26 -16.14 27.17 6.51
CA ILE E 26 -16.43 26.59 5.17
C ILE E 26 -17.95 26.66 4.91
N LYS E 27 -18.77 26.36 5.92
CA LYS E 27 -20.26 26.40 5.85
C LYS E 27 -20.71 27.82 5.43
N ALA E 28 -20.00 28.85 5.88
CA ALA E 28 -20.26 30.28 5.53
C ALA E 28 -19.69 30.59 4.14
N MET E 29 -18.49 30.07 3.82
CA MET E 29 -17.79 30.28 2.52
C MET E 29 -18.59 29.65 1.37
N LEU E 30 -19.46 28.67 1.64
CA LEU E 30 -20.35 28.02 0.64
C LEU E 30 -21.74 28.67 0.71
N SER E 31 -21.78 30.01 0.60
CA SER E 31 -23.02 30.84 0.55
C SER E 31 -22.77 32.10 -0.30
N THR E 41 -18.34 27.94 -7.85
CA THR E 41 -19.48 27.24 -7.20
C THR E 41 -19.01 25.89 -6.65
N ASN E 42 -19.27 25.64 -5.36
CA ASN E 42 -18.85 24.41 -4.62
C ASN E 42 -17.31 24.31 -4.58
N GLU E 43 -16.60 25.42 -4.73
CA GLU E 43 -15.12 25.51 -4.65
C GLU E 43 -14.72 26.64 -3.69
N VAL E 44 -13.76 26.37 -2.82
CA VAL E 44 -13.22 27.34 -1.81
C VAL E 44 -11.69 27.33 -1.91
N ASN E 45 -11.07 28.50 -2.02
CA ASN E 45 -9.60 28.67 -2.08
C ASN E 45 -9.09 29.13 -0.72
N PHE E 46 -8.03 28.47 -0.22
CA PHE E 46 -7.32 28.81 1.03
C PHE E 46 -5.87 29.21 0.68
N ARG E 47 -5.65 30.52 0.59
CA ARG E 47 -4.38 31.14 0.09
C ARG E 47 -3.29 31.03 1.17
N GLU E 48 -3.63 30.60 2.40
CA GLU E 48 -2.72 30.57 3.56
C GLU E 48 -2.58 29.16 4.15
N ILE E 49 -3.30 28.16 3.62
CA ILE E 49 -3.25 26.77 4.14
C ILE E 49 -2.55 25.89 3.10
N PRO E 50 -1.30 25.45 3.36
CA PRO E 50 -0.60 24.55 2.45
C PRO E 50 -1.18 23.13 2.49
N SER E 51 -0.87 22.33 1.47
CA SER E 51 -1.46 20.98 1.21
C SER E 51 -1.12 19.99 2.35
N HIS E 52 0.05 20.13 2.99
CA HIS E 52 0.49 19.24 4.11
C HIS E 52 -0.35 19.53 5.36
N VAL E 53 -1.04 20.67 5.40
CA VAL E 53 -2.02 21.05 6.46
C VAL E 53 -3.43 20.65 6.01
N LEU E 54 -3.87 21.10 4.82
CA LEU E 54 -5.27 20.95 4.35
C LEU E 54 -5.64 19.47 4.15
N SER E 55 -4.68 18.64 3.73
CA SER E 55 -4.87 17.17 3.61
C SER E 55 -5.26 16.59 4.98
N LYS E 56 -4.56 16.97 6.04
CA LYS E 56 -4.85 16.52 7.44
C LYS E 56 -6.22 17.06 7.89
N VAL E 57 -6.57 18.29 7.53
CA VAL E 57 -7.90 18.89 7.85
C VAL E 57 -8.99 18.01 7.24
N CYS E 58 -8.81 17.57 5.98
CA CYS E 58 -9.77 16.69 5.26
C CYS E 58 -9.86 15.33 5.94
N MET E 59 -8.74 14.79 6.41
CA MET E 59 -8.70 13.53 7.19
C MET E 59 -9.48 13.72 8.50
N TYR E 60 -9.36 14.89 9.16
CA TYR E 60 -10.08 15.19 10.41
C TYR E 60 -11.60 15.15 10.14
N PHE E 61 -12.04 15.72 9.03
CA PHE E 61 -13.48 15.73 8.65
C PHE E 61 -13.99 14.29 8.61
N THR E 62 -13.27 13.39 7.92
CA THR E 62 -13.61 11.95 7.77
C THR E 62 -13.72 11.29 9.15
N TYR E 63 -12.73 11.53 10.00
CA TYR E 63 -12.58 11.00 11.38
C TYR E 63 -13.75 11.49 12.24
N LYS E 64 -14.05 12.79 12.18
CA LYS E 64 -15.13 13.46 12.96
C LYS E 64 -16.47 12.80 12.60
N VAL E 65 -16.83 12.75 11.31
CA VAL E 65 -18.15 12.25 10.83
C VAL E 65 -18.26 10.76 11.18
N ARG E 66 -17.17 9.99 11.01
CA ARG E 66 -17.14 8.52 11.29
C ARG E 66 -17.44 8.24 12.77
N TYR E 67 -16.74 8.92 13.70
CA TYR E 67 -16.66 8.52 15.14
C TYR E 67 -17.57 9.38 16.02
N THR E 68 -18.15 10.47 15.50
CA THR E 68 -19.13 11.32 16.25
C THR E 68 -20.40 10.50 16.48
N ASN E 69 -20.79 10.33 17.74
CA ASN E 69 -21.96 9.52 18.18
C ASN E 69 -21.77 8.06 17.74
N SER E 70 -20.72 7.41 18.24
CA SER E 70 -20.40 5.98 17.98
C SER E 70 -19.82 5.35 19.25
N SER E 71 -20.37 4.21 19.68
CA SER E 71 -19.97 3.48 20.92
C SER E 71 -18.69 2.68 20.68
N THR E 72 -18.28 2.51 19.41
CA THR E 72 -16.98 1.92 19.00
C THR E 72 -15.82 2.64 19.71
N GLU E 73 -14.76 1.91 20.04
CA GLU E 73 -13.50 2.48 20.58
C GLU E 73 -12.97 3.51 19.57
N ILE E 74 -12.68 4.72 20.06
CA ILE E 74 -12.23 5.87 19.22
C ILE E 74 -10.70 5.92 19.26
N PRO E 75 -10.01 5.84 18.09
CA PRO E 75 -8.56 5.95 18.05
C PRO E 75 -8.15 7.42 18.15
N GLU E 76 -6.90 7.67 18.52
CA GLU E 76 -6.28 9.03 18.56
C GLU E 76 -6.23 9.59 17.13
N PHE E 77 -6.61 10.85 16.94
CA PHE E 77 -6.30 11.60 15.69
C PHE E 77 -4.82 11.95 15.72
N PRO E 78 -3.98 11.33 14.86
CA PRO E 78 -2.53 11.53 14.91
C PRO E 78 -2.13 12.82 14.18
N ILE E 79 -1.22 13.59 14.78
CA ILE E 79 -0.64 14.84 14.21
C ILE E 79 0.87 14.78 14.44
N ALA E 80 1.65 14.80 13.36
CA ALA E 80 3.14 14.84 13.38
C ALA E 80 3.58 16.17 13.99
N PRO E 81 4.64 16.18 14.84
CA PRO E 81 5.14 17.43 15.41
C PRO E 81 5.35 18.54 14.36
N GLU E 82 5.80 18.16 13.16
CA GLU E 82 6.24 19.08 12.07
C GLU E 82 5.07 19.92 11.55
N ILE E 83 3.83 19.41 11.63
CA ILE E 83 2.63 20.09 11.04
C ILE E 83 1.76 20.70 12.15
N ALA E 84 2.06 20.42 13.42
CA ALA E 84 1.18 20.70 14.59
C ALA E 84 0.79 22.18 14.62
N LEU E 85 1.78 23.08 14.53
CA LEU E 85 1.56 24.54 14.73
C LEU E 85 0.70 25.09 13.59
N GLU E 86 0.97 24.70 12.35
CA GLU E 86 0.23 25.18 11.15
C GLU E 86 -1.19 24.60 11.16
N LEU E 87 -1.35 23.37 11.62
CA LEU E 87 -2.70 22.73 11.69
C LEU E 87 -3.52 23.48 12.75
N LEU E 88 -2.93 23.83 13.89
CA LEU E 88 -3.58 24.63 14.96
C LEU E 88 -4.11 25.94 14.34
N MET E 89 -3.27 26.66 13.59
CA MET E 89 -3.64 27.94 12.96
C MET E 89 -4.83 27.71 12.03
N ALA E 90 -4.81 26.65 11.22
CA ALA E 90 -5.90 26.28 10.29
C ALA E 90 -7.18 25.98 11.07
N ALA E 91 -7.10 25.12 12.09
CA ALA E 91 -8.23 24.70 12.95
C ALA E 91 -8.90 25.92 13.57
N ASN E 92 -8.11 26.87 14.05
CA ASN E 92 -8.60 28.14 14.67
C ASN E 92 -9.37 28.96 13.64
N PHE E 93 -8.85 29.08 12.42
CA PHE E 93 -9.50 29.85 11.32
C PHE E 93 -10.79 29.14 10.88
N LEU E 94 -10.75 27.81 10.73
CA LEU E 94 -11.86 27.00 10.19
C LEU E 94 -12.91 26.72 11.28
N ASP E 95 -12.54 26.86 12.56
CA ASP E 95 -13.41 26.55 13.73
C ASP E 95 -13.95 25.12 13.58
N CYS E 96 -13.08 24.11 13.70
CA CYS E 96 -13.47 22.68 13.79
C CYS E 96 -12.58 21.99 14.82
N PRO F 24 -22.86 21.74 47.79
CA PRO F 24 -22.11 21.43 46.55
C PRO F 24 -22.81 20.34 45.71
N VAL F 25 -23.35 20.73 44.55
CA VAL F 25 -24.29 19.92 43.73
C VAL F 25 -23.59 18.61 43.31
N LEU F 26 -22.37 18.68 42.78
CA LEU F 26 -21.60 17.50 42.31
C LEU F 26 -20.77 16.92 43.47
N ARG F 27 -21.36 15.98 44.21
CA ARG F 27 -20.68 15.21 45.28
C ARG F 27 -21.12 13.75 45.21
N SER F 28 -20.30 12.84 45.73
CA SER F 28 -20.70 11.46 46.09
C SER F 28 -21.72 11.54 47.24
N VAL F 29 -22.70 10.64 47.23
N VAL F 29 -22.70 10.63 47.21
CA VAL F 29 -23.66 10.46 48.36
CA VAL F 29 -23.68 10.37 48.31
C VAL F 29 -23.15 9.31 49.23
C VAL F 29 -23.07 9.32 49.23
N ASN F 30 -23.13 9.52 50.55
CA ASN F 30 -22.55 8.56 51.55
C ASN F 30 -23.55 7.40 51.73
N SER F 31 -23.71 6.56 50.70
CA SER F 31 -24.69 5.46 50.66
C SER F 31 -24.29 4.34 51.61
N ARG F 32 -22.98 4.09 51.75
CA ARG F 32 -22.39 2.96 52.51
C ARG F 32 -22.85 1.61 51.92
N GLU F 33 -23.26 1.58 50.64
CA GLU F 33 -23.73 0.36 49.93
C GLU F 33 -22.65 -0.07 48.94
N PRO F 34 -21.84 -1.12 49.24
CA PRO F 34 -20.76 -1.53 48.34
C PRO F 34 -21.27 -1.81 46.92
N SER F 35 -20.48 -1.41 45.92
CA SER F 35 -20.72 -1.69 44.48
C SER F 35 -19.38 -1.98 43.80
N GLN F 36 -19.24 -3.16 43.22
CA GLN F 36 -18.01 -3.61 42.51
C GLN F 36 -18.07 -3.07 41.08
N VAL F 37 -17.01 -2.41 40.63
CA VAL F 37 -16.94 -1.70 39.32
C VAL F 37 -15.71 -2.22 38.57
N ILE F 38 -15.85 -2.42 37.26
CA ILE F 38 -14.71 -2.65 36.32
C ILE F 38 -14.37 -1.30 35.69
N PHE F 39 -13.21 -0.73 36.03
CA PHE F 39 -12.58 0.39 35.28
C PHE F 39 -11.86 -0.24 34.09
N CYS F 40 -12.40 -0.04 32.88
N CYS F 40 -12.39 -0.02 32.89
CA CYS F 40 -11.84 -0.55 31.60
CA CYS F 40 -11.86 -0.54 31.60
C CYS F 40 -11.35 0.61 30.74
C CYS F 40 -11.35 0.61 30.74
N ASN F 41 -10.02 0.74 30.62
CA ASN F 41 -9.36 1.81 29.82
C ASN F 41 -9.33 1.37 28.37
N ARG F 42 -10.35 1.78 27.59
CA ARG F 42 -10.44 1.57 26.12
C ARG F 42 -10.00 2.85 25.39
N SER F 43 -8.91 3.48 25.87
CA SER F 43 -8.27 4.68 25.28
C SER F 43 -6.77 4.43 25.17
N PRO F 44 -6.01 5.17 24.33
CA PRO F 44 -4.56 5.05 24.29
C PRO F 44 -3.84 5.89 25.37
N ARG F 45 -4.59 6.53 26.27
CA ARG F 45 -4.01 7.40 27.33
C ARG F 45 -3.81 6.60 28.63
N VAL F 46 -2.85 7.03 29.45
CA VAL F 46 -2.78 6.64 30.89
C VAL F 46 -3.93 7.37 31.58
N VAL F 47 -4.89 6.64 32.16
CA VAL F 47 -6.15 7.23 32.72
C VAL F 47 -5.97 7.44 34.23
N LEU F 48 -6.31 8.64 34.70
CA LEU F 48 -6.43 9.00 36.13
C LEU F 48 -7.91 8.96 36.50
N PRO F 49 -8.35 7.96 37.29
CA PRO F 49 -9.67 7.99 37.90
C PRO F 49 -9.70 9.08 38.98
N VAL F 50 -10.78 9.88 38.99
CA VAL F 50 -10.99 10.99 39.96
C VAL F 50 -12.31 10.74 40.69
N TRP F 51 -12.25 10.56 42.01
CA TRP F 51 -13.43 10.41 42.88
C TRP F 51 -13.80 11.77 43.48
N LEU F 52 -15.04 12.21 43.29
CA LEU F 52 -15.59 13.41 43.98
C LEU F 52 -16.06 12.98 45.38
N ASN F 53 -15.43 13.48 46.44
CA ASN F 53 -15.71 13.07 47.84
C ASN F 53 -17.08 13.62 48.27
N PHE F 54 -17.42 13.52 49.55
CA PHE F 54 -18.77 13.89 50.06
C PHE F 54 -18.91 15.41 50.13
N ASP F 55 -17.79 16.14 49.99
CA ASP F 55 -17.75 17.63 49.92
C ASP F 55 -17.49 18.08 48.47
N GLY F 56 -17.47 17.14 47.51
CA GLY F 56 -17.35 17.43 46.07
C GLY F 56 -15.92 17.77 45.63
N GLU F 57 -14.94 17.61 46.53
CA GLU F 57 -13.50 17.79 46.24
C GLU F 57 -12.98 16.57 45.50
N PRO F 58 -12.34 16.73 44.32
CA PRO F 58 -11.84 15.61 43.54
C PRO F 58 -10.61 14.95 44.18
N GLN F 59 -10.58 13.62 44.23
CA GLN F 59 -9.46 12.81 44.80
C GLN F 59 -8.88 11.92 43.72
N PRO F 60 -7.54 11.94 43.50
CA PRO F 60 -6.90 11.10 42.48
C PRO F 60 -6.76 9.65 42.96
N TYR F 61 -7.03 8.68 42.08
CA TYR F 61 -6.86 7.23 42.35
C TYR F 61 -5.75 6.69 41.44
N PRO F 62 -5.20 5.49 41.74
CA PRO F 62 -4.12 4.92 40.92
C PRO F 62 -4.49 4.86 39.44
N THR F 63 -3.52 5.10 38.57
CA THR F 63 -3.68 5.25 37.10
C THR F 63 -3.88 3.86 36.45
N LEU F 64 -4.58 3.83 35.31
CA LEU F 64 -4.73 2.63 34.45
C LEU F 64 -3.89 2.81 33.19
N PRO F 65 -2.87 1.96 32.94
CA PRO F 65 -2.16 1.98 31.67
C PRO F 65 -3.14 1.73 30.51
N PRO F 66 -2.80 2.21 29.29
CA PRO F 66 -3.63 1.95 28.11
C PRO F 66 -4.02 0.48 27.92
N GLY F 67 -5.28 0.22 27.59
CA GLY F 67 -5.79 -1.12 27.22
C GLY F 67 -5.79 -2.09 28.40
N THR F 68 -5.84 -1.58 29.63
CA THR F 68 -5.89 -2.40 30.88
C THR F 68 -7.26 -2.20 31.54
N GLY F 69 -7.67 -3.16 32.38
CA GLY F 69 -8.88 -3.10 33.20
C GLY F 69 -8.58 -3.48 34.64
N ARG F 70 -9.33 -2.92 35.59
CA ARG F 70 -9.21 -3.22 37.04
C ARG F 70 -10.60 -3.33 37.66
N ARG F 71 -10.81 -4.35 38.48
CA ARG F 71 -12.02 -4.52 39.33
C ARG F 71 -11.76 -3.78 40.65
N ILE F 72 -12.56 -2.77 40.94
CA ILE F 72 -12.34 -1.83 42.08
C ILE F 72 -13.58 -1.81 42.97
N HIS F 73 -13.37 -1.55 44.26
CA HIS F 73 -14.43 -1.44 45.30
C HIS F 73 -14.85 0.03 45.39
N SER F 74 -16.08 0.32 44.96
CA SER F 74 -16.71 1.65 45.10
C SER F 74 -18.05 1.49 45.81
N TYR F 75 -18.91 2.49 45.72
CA TYR F 75 -20.21 2.53 46.43
C TYR F 75 -21.26 3.14 45.50
N ARG F 76 -22.52 2.76 45.75
CA ARG F 76 -23.70 3.32 45.05
C ARG F 76 -23.75 4.84 45.29
N GLY F 77 -24.00 5.60 44.22
CA GLY F 77 -24.16 7.07 44.29
C GLY F 77 -22.85 7.82 44.41
N HIS F 78 -21.70 7.12 44.34
CA HIS F 78 -20.36 7.75 44.28
C HIS F 78 -20.11 8.28 42.87
N LEU F 79 -19.46 9.44 42.76
CA LEU F 79 -19.25 10.17 41.48
C LEU F 79 -17.79 10.04 41.08
N TRP F 80 -17.56 9.59 39.85
CA TRP F 80 -16.23 9.45 39.22
C TRP F 80 -16.17 10.25 37.92
N LEU F 81 -15.01 10.82 37.62
CA LEU F 81 -14.68 11.27 36.25
C LEU F 81 -13.26 10.78 35.95
N PHE F 82 -12.86 10.86 34.67
CA PHE F 82 -11.65 10.20 34.15
C PHE F 82 -10.89 11.20 33.27
N ARG F 83 -9.60 11.36 33.54
CA ARG F 83 -8.70 12.33 32.86
C ARG F 83 -7.46 11.59 32.37
N ASP F 84 -6.78 12.13 31.36
CA ASP F 84 -5.40 11.73 31.01
C ASP F 84 -4.52 12.07 32.22
N ALA F 85 -3.72 11.11 32.70
CA ALA F 85 -2.92 11.22 33.94
C ALA F 85 -1.85 12.31 33.81
N GLY F 86 -1.27 12.48 32.61
CA GLY F 86 -0.17 13.43 32.37
C GLY F 86 -0.66 14.85 32.12
N THR F 87 -1.71 15.00 31.30
CA THR F 87 -2.14 16.29 30.67
C THR F 87 -3.48 16.77 31.23
N HIS F 88 -4.25 15.88 31.87
CA HIS F 88 -5.59 16.14 32.47
C HIS F 88 -6.64 16.41 31.40
N ASP F 89 -6.37 16.08 30.12
CA ASP F 89 -7.38 16.09 29.04
C ASP F 89 -8.63 15.32 29.51
N GLY F 90 -9.81 15.78 29.12
CA GLY F 90 -11.10 15.13 29.43
C GLY F 90 -11.25 13.80 28.71
N LEU F 91 -11.69 12.76 29.42
CA LEU F 91 -12.05 11.44 28.83
C LEU F 91 -13.53 11.16 29.10
N LEU F 92 -14.14 10.28 28.30
CA LEU F 92 -15.55 9.88 28.46
C LEU F 92 -15.60 8.54 29.22
N VAL F 93 -16.68 8.33 29.97
CA VAL F 93 -16.96 7.04 30.66
C VAL F 93 -18.39 6.65 30.30
N ASN F 94 -18.56 5.54 29.58
CA ASN F 94 -19.86 5.10 29.00
C ASN F 94 -20.49 6.27 28.24
N GLN F 95 -19.68 6.92 27.39
N GLN F 95 -19.67 6.95 27.41
CA GLN F 95 -20.06 8.01 26.46
CA GLN F 95 -20.10 8.00 26.45
C GLN F 95 -20.66 9.22 27.21
C GLN F 95 -20.63 9.25 27.17
N THR F 96 -20.15 9.53 28.39
CA THR F 96 -20.57 10.73 29.18
C THR F 96 -19.43 11.17 30.11
N GLU F 97 -19.63 12.28 30.81
CA GLU F 97 -18.61 12.98 31.63
C GLU F 97 -18.43 12.26 32.96
N LEU F 98 -19.55 11.91 33.61
CA LEU F 98 -19.59 11.44 35.02
C LEU F 98 -20.07 9.98 35.04
N PHE F 99 -19.51 9.20 35.96
CA PHE F 99 -19.86 7.79 36.23
C PHE F 99 -20.33 7.64 37.68
N VAL F 100 -21.53 7.08 37.87
CA VAL F 100 -22.12 6.77 39.20
C VAL F 100 -22.44 5.29 39.23
N PRO F 101 -21.78 4.49 40.11
CA PRO F 101 -22.15 3.10 40.29
C PRO F 101 -23.60 2.97 40.77
N SER F 102 -24.36 2.06 40.16
CA SER F 102 -25.64 1.50 40.69
C SER F 102 -25.32 0.22 41.48
N LEU F 103 -26.32 -0.41 42.10
CA LEU F 103 -26.17 -1.74 42.74
C LEU F 103 -25.86 -2.77 41.66
N ASN F 104 -24.93 -3.69 41.94
CA ASN F 104 -24.61 -4.85 41.06
C ASN F 104 -25.83 -5.77 40.94
N VAL F 105 -26.20 -6.15 39.71
CA VAL F 105 -27.32 -7.09 39.40
C VAL F 105 -26.71 -8.45 39.04
N ASP F 106 -27.28 -9.55 39.59
CA ASP F 106 -26.93 -10.96 39.27
C ASP F 106 -25.45 -11.22 39.59
N GLY F 107 -24.88 -10.50 40.55
CA GLY F 107 -23.46 -10.61 40.94
C GLY F 107 -22.52 -9.89 39.98
N GLN F 108 -23.03 -9.45 38.82
CA GLN F 108 -22.23 -8.81 37.73
C GLN F 108 -21.74 -7.45 38.20
N PRO F 109 -20.46 -7.08 37.95
CA PRO F 109 -19.99 -5.72 38.23
C PRO F 109 -20.54 -4.74 37.19
N ILE F 110 -20.54 -3.45 37.52
CA ILE F 110 -20.86 -2.32 36.59
C ILE F 110 -19.59 -2.04 35.79
N PHE F 111 -19.69 -1.92 34.46
CA PHE F 111 -18.56 -1.56 33.57
C PHE F 111 -18.51 -0.03 33.40
N ALA F 112 -17.35 0.55 33.72
CA ALA F 112 -16.97 1.94 33.40
C ALA F 112 -15.99 1.90 32.22
N ASN F 113 -16.53 1.95 30.99
CA ASN F 113 -15.76 1.95 29.73
C ASN F 113 -15.26 3.36 29.49
N ILE F 114 -13.95 3.58 29.69
CA ILE F 114 -13.26 4.89 29.54
C ILE F 114 -12.73 4.98 28.11
N THR F 115 -13.15 6.00 27.35
CA THR F 115 -12.80 6.20 25.92
C THR F 115 -12.34 7.64 25.66
N LEU F 116 -11.63 7.85 24.54
CA LEU F 116 -11.35 9.22 24.03
C LEU F 116 -12.67 9.82 23.54
N PRO F 117 -12.94 11.11 23.80
CA PRO F 117 -13.97 11.81 23.04
C PRO F 117 -13.44 12.06 21.62
N VAL F 118 -14.32 12.41 20.69
CA VAL F 118 -13.92 13.10 19.43
C VAL F 118 -13.59 14.54 19.81
N TYR F 119 -12.33 14.85 20.07
CA TYR F 119 -11.86 16.23 20.35
C TYR F 119 -12.08 17.06 19.08
N THR F 120 -12.31 18.36 19.23
CA THR F 120 -12.27 19.31 18.07
C THR F 120 -10.83 19.27 17.54
N LEU F 121 -10.64 19.57 16.26
CA LEU F 121 -9.28 19.60 15.65
C LEU F 121 -8.43 20.59 16.44
N LYS F 122 -8.99 21.74 16.82
CA LYS F 122 -8.28 22.81 17.54
C LYS F 122 -7.78 22.27 18.89
N GLU F 123 -8.65 21.61 19.67
CA GLU F 123 -8.28 21.07 21.01
C GLU F 123 -7.20 19.99 20.84
N ARG F 124 -7.32 19.14 19.83
CA ARG F 124 -6.32 18.06 19.56
C ARG F 124 -4.98 18.72 19.20
N CYS F 125 -4.98 19.75 18.36
CA CYS F 125 -3.78 20.54 18.01
C CYS F 125 -3.18 21.18 19.26
N LEU F 126 -4.02 21.74 20.15
CA LEU F 126 -3.53 22.37 21.42
C LEU F 126 -2.84 21.28 22.27
N GLN F 127 -3.40 20.08 22.32
CA GLN F 127 -2.83 18.93 23.07
C GLN F 127 -1.40 18.63 22.58
N VAL F 128 -1.24 18.49 21.26
CA VAL F 128 0.06 18.10 20.64
C VAL F 128 1.08 19.22 20.87
N VAL F 129 0.70 20.48 20.64
CA VAL F 129 1.62 21.64 20.81
C VAL F 129 2.06 21.73 22.28
N ARG F 130 1.12 21.56 23.22
CA ARG F 130 1.40 21.55 24.68
C ARG F 130 2.37 20.41 25.03
N SER F 131 2.27 19.27 24.34
CA SER F 131 3.10 18.06 24.59
C SER F 131 4.54 18.28 24.10
N LEU F 132 4.75 19.22 23.17
CA LEU F 132 6.06 19.45 22.50
C LEU F 132 6.76 20.71 23.01
N VAL F 133 6.02 21.64 23.63
CA VAL F 133 6.54 22.98 24.04
C VAL F 133 6.39 23.14 25.56
N LYS F 134 7.44 23.57 26.25
CA LYS F 134 7.39 23.95 27.69
C LYS F 134 6.55 25.22 27.80
N PRO F 135 5.69 25.35 28.84
CA PRO F 135 4.79 26.51 28.95
C PRO F 135 5.52 27.86 28.87
N GLU F 136 6.73 27.95 29.43
CA GLU F 136 7.54 29.20 29.46
C GLU F 136 7.95 29.60 28.03
N ASN F 137 7.73 28.72 27.04
CA ASN F 137 8.14 28.94 25.62
C ASN F 137 6.92 29.10 24.71
N TYR F 138 5.67 29.02 25.22
CA TYR F 138 4.43 29.16 24.42
C TYR F 138 4.45 30.49 23.66
N ARG F 139 4.91 31.55 24.33
CA ARG F 139 4.92 32.95 23.84
C ARG F 139 6.03 33.16 22.80
N ARG F 140 6.90 32.18 22.56
CA ARG F 140 7.97 32.25 21.52
C ARG F 140 7.45 31.69 20.19
N LEU F 141 6.29 31.03 20.19
CA LEU F 141 5.67 30.46 18.96
C LEU F 141 5.14 31.61 18.10
N ASP F 142 5.29 31.50 16.77
CA ASP F 142 4.92 32.56 15.80
C ASP F 142 3.41 32.41 15.49
N ILE F 143 2.55 32.74 16.46
CA ILE F 143 1.06 32.61 16.37
C ILE F 143 0.39 33.82 17.02
N VAL F 144 -0.86 34.11 16.64
CA VAL F 144 -1.68 35.25 17.16
C VAL F 144 -1.85 35.09 18.68
N ARG F 145 -2.07 36.22 19.37
CA ARG F 145 -2.23 36.31 20.85
C ARG F 145 -3.26 35.29 21.33
N SER F 146 -4.45 35.25 20.69
CA SER F 146 -5.59 34.40 21.13
C SER F 146 -5.16 32.93 21.24
N LEU F 147 -4.20 32.47 20.43
CA LEU F 147 -3.73 31.06 20.46
C LEU F 147 -2.73 30.85 21.61
N TYR F 148 -1.96 31.86 22.02
CA TYR F 148 -1.16 31.83 23.27
C TYR F 148 -2.10 31.57 24.46
N GLU F 149 -3.16 32.36 24.56
CA GLU F 149 -4.19 32.27 25.62
C GLU F 149 -4.81 30.87 25.58
N ASP F 150 -5.15 30.35 24.39
CA ASP F 150 -5.77 29.02 24.22
C ASP F 150 -4.80 27.93 24.72
N LEU F 151 -3.51 28.05 24.40
CA LEU F 151 -2.46 27.09 24.85
C LEU F 151 -2.32 27.13 26.38
N GLU F 152 -2.36 28.33 26.97
CA GLU F 152 -2.13 28.58 28.41
C GLU F 152 -3.32 28.08 29.23
N ASP F 153 -4.53 28.03 28.64
CA ASP F 153 -5.78 27.59 29.32
C ASP F 153 -5.84 26.05 29.31
N HIS F 154 -5.00 25.41 30.14
N HIS F 154 -5.01 25.41 30.14
CA HIS F 154 -4.85 23.93 30.25
CA HIS F 154 -4.85 23.93 30.21
C HIS F 154 -6.15 23.32 30.76
C HIS F 154 -6.12 23.30 30.78
N PRO F 155 -6.54 22.11 30.30
CA PRO F 155 -7.70 21.41 30.84
C PRO F 155 -7.46 21.13 32.33
N ASN F 156 -8.50 21.25 33.16
CA ASN F 156 -8.40 20.96 34.61
C ASN F 156 -9.78 20.59 35.17
N VAL F 157 -9.79 19.73 36.18
CA VAL F 157 -11.03 19.15 36.78
C VAL F 157 -11.90 20.30 37.32
N GLN F 158 -11.30 21.24 38.05
CA GLN F 158 -12.02 22.35 38.73
C GLN F 158 -12.92 23.08 37.71
N LYS F 159 -12.38 23.42 36.54
CA LYS F 159 -13.11 24.19 35.49
C LYS F 159 -14.26 23.33 34.93
N ASP F 160 -14.04 22.03 34.72
CA ASP F 160 -15.04 21.08 34.18
C ASP F 160 -16.18 20.89 35.20
N LEU F 161 -15.86 20.85 36.49
CA LEU F 161 -16.87 20.69 37.58
C LEU F 161 -17.78 21.93 37.62
N GLU F 162 -17.24 23.12 37.37
CA GLU F 162 -18.02 24.39 37.30
C GLU F 162 -19.02 24.31 36.14
N ARG F 163 -18.56 23.89 34.96
CA ARG F 163 -19.37 23.82 33.71
C ARG F 163 -20.45 22.74 33.86
N LEU F 164 -20.13 21.61 34.51
CA LEU F 164 -21.09 20.48 34.72
C LEU F 164 -22.15 20.90 35.75
N THR F 165 -21.77 21.70 36.75
CA THR F 165 -22.67 22.26 37.80
C THR F 165 -23.63 23.26 37.14
N GLN F 166 -23.16 24.04 36.15
CA GLN F 166 -23.99 25.00 35.38
C GLN F 166 -24.99 24.21 34.53
N GLU F 167 -24.52 23.17 33.83
CA GLU F 167 -25.32 22.30 32.93
C GLU F 167 -26.45 21.62 33.72
N ARG F 168 -26.17 21.22 34.96
CA ARG F 168 -27.19 20.73 35.95
C ARG F 168 -28.23 21.84 36.17
N ILE F 169 -27.79 22.99 36.68
CA ILE F 169 -28.64 24.19 36.99
C ILE F 169 -29.06 24.85 35.67
C1 EDO G . 4.54 -5.83 -14.40
O1 EDO G . 3.84 -7.05 -14.48
C2 EDO G . 3.75 -4.67 -14.89
O2 EDO G . 4.31 -3.98 -16.00
C1 EDO H . 20.77 -18.16 5.03
O1 EDO H . 21.32 -19.30 4.40
C2 EDO H . 20.04 -18.49 6.29
O2 EDO H . 20.64 -17.99 7.46
C1 EDO I . -6.11 -10.18 -44.51
O1 EDO I . -5.46 -10.77 -45.61
C2 EDO I . -5.24 -9.28 -43.71
O2 EDO I . -3.89 -9.69 -43.66
S DMS J . 6.52 -10.59 -40.81
O DMS J . 5.85 -9.26 -41.00
C1 DMS J . 7.85 -10.31 -39.67
C2 DMS J . 5.48 -11.52 -39.73
CL CL K . 9.47 -3.38 -23.24
C4 A1ARP L . -6.15 -17.07 -42.46
C5 A1ARP L . -5.15 -18.17 -42.88
C6 A1ARP L . -4.99 -17.87 -44.39
C8 A1ARP L . -9.47 -14.08 -43.04
C10 A1ARP L . -9.18 -12.01 -41.65
C13 A1ARP L . -7.94 -13.42 -39.60
C15 A1ARP L . -8.99 -13.39 -41.77
C22 A1ARP L . -5.62 -16.68 -48.22
C24 A1ARP L . -4.90 -15.54 -47.48
C26 A1ARP L . -8.25 -10.35 -37.54
C28 A1ARP L . -6.50 -10.60 -36.20
C1 A1ARP L . -7.69 -15.64 -43.71
N2 A1ARP L . -6.33 -17.42 -44.82
C3 A1ARP L . -7.12 -17.03 -43.64
O7 A1ARP L . -7.10 -14.75 -44.31
N9 A1ARP L . -8.85 -15.41 -43.08
C11 A1ARP L . -8.75 -11.35 -40.51
C12 A1ARP L . -8.13 -12.05 -39.46
C14 A1ARP L . -8.37 -14.08 -40.74
C16 A1ARP L . -7.66 -11.37 -38.23
O17 A1ARP L . -5.72 -19.46 -42.67
C18 A1ARP L . -6.80 -17.39 -46.08
C19 A1ARP L . -5.93 -17.83 -47.24
O20 A1ARP L . -7.95 -17.01 -46.25
N21 A1ARP L . -6.55 -19.01 -47.85
C23 A1ARP L . -6.83 -16.08 -48.95
C25 A1ARP L . -4.65 -17.21 -49.28
N27 A1ARP L . -7.59 -9.98 -36.47
S29 A1ARP L . -6.19 -11.80 -37.37
C30 A1ARP L . -9.55 -9.68 -37.93
N31 A1ARP L . -5.97 -20.15 -47.94
N32 A1ARP L . -6.75 -21.01 -48.49
C33 A1ARP L . -7.90 -20.42 -48.79
C34 A1ARP L . -7.80 -19.13 -48.38
C35 A1ARP L . -9.09 -21.05 -49.46
C36 A1ARP L . -8.83 -22.33 -50.28
C37 A1ARP L . -9.54 -22.42 -48.92
C1 EDO M . -18.35 10.26 21.91
O1 EDO M . -17.89 8.98 22.28
C2 EDO M . -18.47 10.42 20.44
O2 EDO M . -18.97 9.26 19.80
S DMS N . -15.96 19.25 -7.53
O DMS N . -15.68 18.72 -8.92
C1 DMS N . -17.46 20.19 -7.66
C2 DMS N . -16.60 17.88 -6.61
C1 EDO O . -7.03 15.23 40.11
O1 EDO O . -7.77 15.22 41.32
C2 EDO O . -7.19 16.48 39.33
O2 EDO O . -5.99 17.24 39.23
CL CL P . -17.91 -1.05 53.07
C4 A1ARP Q . -13.74 4.30 45.96
C5 A1ARP Q . -14.78 5.42 46.13
C6 A1ARP Q . -14.44 5.96 47.55
C8 A1ARP Q . -10.64 1.35 47.25
C10 A1ARP Q . -8.63 1.29 45.74
C13 A1ARP Q . -10.16 1.85 43.50
C15 A1ARP Q . -10.01 1.47 45.88
C22 A1ARP Q . -13.36 6.26 51.45
C24 A1ARP Q . -12.25 6.82 50.53
C26 A1ARP Q . -7.19 1.01 41.46
C28 A1ARP Q . -7.51 2.33 39.70
C1 A1ARP Q . -12.23 3.21 47.57
N2 A1ARP Q . -14.04 4.76 48.32
C3 A1ARP Q . -13.64 3.70 47.39
O7 A1ARP Q . -11.37 3.93 48.03
N9 A1ARP Q . -11.98 1.95 47.17
C11 A1ARP Q . -8.03 1.39 44.51
C12 A1ARP Q . -8.78 1.66 43.36
C14 A1ARP Q . -10.76 1.75 44.74
C16 A1ARP Q . -8.17 1.77 42.01
O17 A1ARP Q . -16.10 4.87 46.08
C18 A1ARP Q . -14.06 4.59 49.66
C19 A1ARP Q . -14.52 5.71 50.58
O20 A1ARP Q . -13.70 3.51 50.10
N21 A1ARP Q . -15.68 5.22 51.35
C23 A1ARP Q . -12.72 5.26 52.42
C25 A1ARP Q . -13.89 7.45 52.26
N27 A1ARP Q . -6.87 1.34 40.22
S29 A1ARP Q . -8.66 2.96 40.80
C30 A1ARP Q . -6.51 -0.14 42.16
N31 A1ARP Q . -16.83 5.78 51.34
N32 A1ARP Q . -17.66 5.14 52.08
C33 A1ARP Q . -17.03 4.10 52.62
C34 A1ARP Q . -15.76 4.13 52.15
C35 A1ARP Q . -17.62 3.08 53.56
C36 A1ARP Q . -18.03 3.59 54.94
C37 A1ARP Q . -19.10 3.18 53.92
#